data_3E2V
#
_entry.id   3E2V
#
_cell.length_a   62.532
_cell.length_b   55.007
_cell.length_c   115.260
_cell.angle_alpha   90.000
_cell.angle_beta   95.850
_cell.angle_gamma   90.000
#
_symmetry.space_group_name_H-M   'P 1 21 1'
#
loop_
_entity.id
_entity.type
_entity.pdbx_description
1 polymer "3'-5'-exonuclease"
2 non-polymer GLYCEROL
3 non-polymer 'MAGNESIUM ION'
4 water water
#
_entity_poly.entity_id   1
_entity_poly.type   'polypeptide(L)'
_entity_poly.pdbx_seq_one_letter_code
;MSLTSTATDSPLKYYDIGLNLTDPMFHGIYNGKQYHPADYVKLLERAAQRHVKNALVTGSSIAESQSAIELVSSVKDLSP
LKLYHTIGVHPCCVNEFADASQGDKASASIDNPSMDEAYNESLYAKVISNPSFAQGKLKELYDLMNQQAKPHDTSFRSIG
EIGLDYDRFHYSSKEMQKVFFEEQLKISCLNDKLSSYPLFLHMRSACDDFVQILERFVVGFTDEKDTFQLQKLGASSSSG
FYKFHPDRKLVVHSFTGSAIDLQKLLNLSPNIFIGVNGCSLRTEENLAVVKQIPTERLLLETDAPWCEIKRTHASFQYLA
KYQEVRDFEYPAFKSVKKNKLADKLNAEELYMVKGRNEPCNMEQVAIVVSEVKDVDLATLIDTTWKTTCKIFGEGHHHHH
H
;
_entity_poly.pdbx_strand_id   A,B
#
loop_
_chem_comp.id
_chem_comp.type
_chem_comp.name
_chem_comp.formula
GOL non-polymer GLYCEROL 'C3 H8 O3'
MG non-polymer 'MAGNESIUM ION' 'Mg 2'
#
# COMPACT_ATOMS: atom_id res chain seq x y z
N PRO A 11 30.84 23.40 -0.04
CA PRO A 11 29.70 22.70 -0.62
C PRO A 11 29.48 21.36 0.07
N LEU A 12 28.47 21.32 0.94
CA LEU A 12 28.19 20.13 1.72
C LEU A 12 27.43 19.11 0.87
N LYS A 13 27.77 17.83 1.09
CA LYS A 13 27.11 16.71 0.40
C LYS A 13 26.92 15.57 1.37
N TYR A 14 25.70 15.06 1.48
CA TYR A 14 25.40 13.90 2.34
C TYR A 14 24.91 12.71 1.53
N TYR A 15 25.22 11.51 2.04
CA TYR A 15 24.86 10.26 1.40
C TYR A 15 24.26 9.39 2.50
N ASP A 16 22.93 9.33 2.55
CA ASP A 16 22.25 8.59 3.62
C ASP A 16 22.27 7.11 3.30
N ILE A 17 23.05 6.33 4.04
CA ILE A 17 23.16 4.88 3.74
C ILE A 17 22.04 4.07 4.33
N GLY A 18 21.09 4.74 5.01
CA GLY A 18 20.03 4.03 5.72
C GLY A 18 18.69 4.70 5.59
N LEU A 19 18.14 4.68 4.38
CA LEU A 19 16.84 5.27 4.18
C LEU A 19 15.78 4.17 3.98
N ASN A 20 14.86 4.05 4.93
CA ASN A 20 13.83 3.00 4.82
C ASN A 20 12.63 3.53 4.06
N LEU A 21 12.84 3.84 2.78
CA LEU A 21 11.84 4.56 2.00
C LEU A 21 10.56 3.80 1.75
N THR A 22 10.61 2.47 1.83
CA THR A 22 9.38 1.69 1.72
C THR A 22 8.52 1.70 2.99
N ASP A 23 8.99 2.31 4.08
CA ASP A 23 8.23 2.25 5.32
C ASP A 23 6.84 2.86 5.15
N PRO A 24 5.80 2.21 5.70
CA PRO A 24 4.46 2.77 5.55
C PRO A 24 4.27 4.23 5.96
N MET A 25 5.07 4.74 6.90
CA MET A 25 4.91 6.15 7.31
C MET A 25 5.17 7.11 6.14
N PHE A 26 6.10 6.73 5.26
CA PHE A 26 6.40 7.55 4.08
C PHE A 26 5.31 7.48 3.02
N HIS A 27 4.39 6.54 3.22
CA HIS A 27 3.24 6.37 2.35
C HIS A 27 1.95 6.85 3.03
N GLY A 28 2.11 7.57 4.15
CA GLY A 28 0.99 8.20 4.83
C GLY A 28 0.26 7.30 5.82
N ILE A 29 0.84 6.14 6.13
CA ILE A 29 0.21 5.14 6.98
C ILE A 29 0.92 5.05 8.33
N TYR A 30 0.13 5.17 9.41
CA TYR A 30 0.63 5.19 10.79
C TYR A 30 -0.26 4.28 11.63
N ASN A 31 0.33 3.34 12.37
CA ASN A 31 -0.45 2.37 13.14
C ASN A 31 -1.54 1.70 12.27
N GLY A 32 -1.23 1.47 10.99
CA GLY A 32 -2.13 0.73 10.09
C GLY A 32 -3.26 1.53 9.48
N LYS A 33 -3.22 2.84 9.72
CA LYS A 33 -4.26 3.78 9.31
C LYS A 33 -3.65 4.83 8.39
N GLN A 34 -4.31 5.11 7.27
CA GLN A 34 -3.88 6.18 6.40
C GLN A 34 -4.37 7.54 6.90
N TYR A 35 -3.41 8.45 7.08
CA TYR A 35 -3.70 9.82 7.50
C TYR A 35 -3.53 10.88 6.41
N HIS A 36 -2.64 10.63 5.46
CA HIS A 36 -2.36 11.59 4.40
C HIS A 36 -1.88 10.86 3.15
N PRO A 37 -2.00 11.50 1.98
CA PRO A 37 -1.41 10.88 0.79
C PRO A 37 0.09 10.73 0.95
N ALA A 38 0.65 9.67 0.36
CA ALA A 38 2.09 9.44 0.40
C ALA A 38 2.80 10.72 -0.09
N ASP A 39 3.88 11.10 0.61
CA ASP A 39 4.55 12.37 0.31
C ASP A 39 6.04 12.16 0.10
N TYR A 40 6.44 10.98 -0.39
CA TYR A 40 7.88 10.69 -0.48
C TYR A 40 8.61 11.53 -1.53
N VAL A 41 7.92 12.01 -2.56
CA VAL A 41 8.60 12.90 -3.51
C VAL A 41 8.95 14.24 -2.82
N LYS A 42 8.01 14.82 -2.08
CA LYS A 42 8.32 16.04 -1.29
C LYS A 42 9.39 15.78 -0.22
N LEU A 43 9.35 14.60 0.38
CA LEU A 43 10.38 14.17 1.29
C LEU A 43 11.76 14.24 0.62
N LEU A 44 11.84 13.76 -0.60
CA LEU A 44 13.12 13.76 -1.32
C LEU A 44 13.54 15.18 -1.68
N GLU A 45 12.57 16.03 -2.01
CA GLU A 45 12.84 17.46 -2.23
C GLU A 45 13.40 18.13 -0.98
N ARG A 46 12.84 17.82 0.19
CA ARG A 46 13.36 18.36 1.46
C ARG A 46 14.80 17.90 1.68
N ALA A 47 15.07 16.63 1.42
CA ALA A 47 16.43 16.11 1.60
C ALA A 47 17.43 16.81 0.66
N ALA A 48 17.04 16.99 -0.60
CA ALA A 48 17.92 17.64 -1.60
C ALA A 48 18.22 19.09 -1.19
N GLN A 49 17.21 19.75 -0.65
CA GLN A 49 17.35 21.13 -0.18
C GLN A 49 18.33 21.21 0.99
N ARG A 50 18.40 20.13 1.79
CA ARG A 50 19.37 20.05 2.89
C ARG A 50 20.61 19.22 2.52
N HIS A 51 20.95 19.25 1.23
CA HIS A 51 22.25 18.82 0.68
C HIS A 51 22.47 17.32 0.63
N VAL A 52 21.38 16.56 0.78
CA VAL A 52 21.47 15.11 0.58
C VAL A 52 21.46 14.84 -0.92
N LYS A 53 22.53 14.21 -1.39
CA LYS A 53 22.70 13.96 -2.80
C LYS A 53 22.27 12.56 -3.21
N ASN A 54 22.55 11.58 -2.35
CA ASN A 54 22.33 10.17 -2.68
C ASN A 54 21.76 9.49 -1.44
N ALA A 55 21.01 8.41 -1.63
CA ALA A 55 20.61 7.60 -0.48
C ALA A 55 20.51 6.15 -0.90
N LEU A 56 20.72 5.27 0.07
CA LEU A 56 20.59 3.84 -0.13
C LEU A 56 19.30 3.40 0.54
N VAL A 57 18.37 2.86 -0.27
CA VAL A 57 17.07 2.39 0.21
C VAL A 57 17.21 0.95 0.66
N THR A 58 16.84 0.67 1.92
CA THR A 58 17.01 -0.65 2.48
CA THR A 58 16.99 -0.63 2.53
C THR A 58 15.94 -1.64 2.06
N GLY A 59 16.36 -2.85 1.76
CA GLY A 59 15.47 -4.00 1.52
C GLY A 59 15.69 -5.01 2.66
N SER A 60 14.62 -5.57 3.21
CA SER A 60 14.74 -6.46 4.38
C SER A 60 14.14 -7.87 4.22
N SER A 61 13.54 -8.12 3.06
CA SER A 61 13.02 -9.45 2.71
C SER A 61 12.99 -9.55 1.20
N ILE A 62 12.64 -10.71 0.66
CA ILE A 62 12.49 -10.80 -0.79
C ILE A 62 11.40 -9.82 -1.23
N ALA A 63 10.24 -9.88 -0.57
CA ALA A 63 9.14 -8.99 -0.94
C ALA A 63 9.49 -7.51 -0.77
N GLU A 64 10.14 -7.18 0.33
CA GLU A 64 10.52 -5.80 0.58
C GLU A 64 11.61 -5.32 -0.36
N SER A 65 12.51 -6.23 -0.75
CA SER A 65 13.53 -5.87 -1.72
C SER A 65 12.87 -5.58 -3.07
N GLN A 66 11.88 -6.39 -3.42
CA GLN A 66 11.11 -6.13 -4.63
C GLN A 66 10.36 -4.79 -4.57
N SER A 67 9.75 -4.50 -3.42
CA SER A 67 9.14 -3.17 -3.21
C SER A 67 10.15 -2.03 -3.39
N ALA A 68 11.37 -2.21 -2.87
CA ALA A 68 12.40 -1.18 -3.01
C ALA A 68 12.83 -1.00 -4.47
N ILE A 69 13.03 -2.11 -5.19
CA ILE A 69 13.30 -2.07 -6.62
C ILE A 69 12.26 -1.23 -7.35
N GLU A 70 11.00 -1.50 -7.06
CA GLU A 70 9.90 -0.87 -7.79
C GLU A 70 9.74 0.57 -7.39
N LEU A 71 9.93 0.87 -6.10
CA LEU A 71 9.80 2.25 -5.65
C LEU A 71 10.89 3.13 -6.25
N VAL A 72 12.12 2.64 -6.23
CA VAL A 72 13.23 3.37 -6.80
C VAL A 72 13.01 3.60 -8.29
N SER A 73 12.57 2.57 -9.01
CA SER A 73 12.22 2.75 -10.43
C SER A 73 11.10 3.80 -10.62
N SER A 74 10.09 3.76 -9.75
CA SER A 74 8.91 4.63 -9.87
C SER A 74 9.26 6.11 -9.71
N VAL A 75 10.30 6.42 -8.95
CA VAL A 75 10.72 7.81 -8.75
C VAL A 75 12.00 8.26 -9.48
N LYS A 76 12.55 7.42 -10.37
CA LYS A 76 13.83 7.76 -11.02
C LYS A 76 13.83 9.09 -11.76
N ASP A 77 12.66 9.48 -12.26
CA ASP A 77 12.52 10.72 -12.99
C ASP A 77 11.86 11.81 -12.15
N LEU A 78 11.61 11.52 -10.87
CA LEU A 78 10.98 12.49 -9.96
C LEU A 78 11.84 12.88 -8.76
N SER A 79 12.83 12.04 -8.44
CA SER A 79 13.65 12.23 -7.26
C SER A 79 14.86 13.11 -7.56
N PRO A 80 15.03 14.20 -6.80
CA PRO A 80 16.26 14.98 -6.92
C PRO A 80 17.46 14.32 -6.23
N LEU A 81 17.22 13.24 -5.48
CA LEU A 81 18.31 12.41 -4.95
C LEU A 81 18.57 11.24 -5.88
N LYS A 82 19.83 10.85 -6.03
CA LYS A 82 20.12 9.60 -6.69
C LYS A 82 19.89 8.48 -5.67
N LEU A 83 18.95 7.58 -6.00
CA LEU A 83 18.61 6.50 -5.11
C LEU A 83 19.17 5.18 -5.58
N TYR A 84 19.83 4.49 -4.65
CA TYR A 84 20.25 3.12 -4.81
C TYR A 84 19.50 2.25 -3.82
N HIS A 85 19.60 0.93 -3.95
CA HIS A 85 18.95 0.06 -2.97
C HIS A 85 19.71 -1.22 -2.71
N THR A 86 19.29 -1.91 -1.66
CA THR A 86 19.86 -3.21 -1.34
C THR A 86 18.87 -4.31 -1.74
N ILE A 87 19.37 -5.55 -1.71
CA ILE A 87 18.56 -6.78 -1.81
C ILE A 87 19.09 -7.78 -0.80
N GLY A 88 18.19 -8.31 0.01
CA GLY A 88 18.58 -9.27 1.05
C GLY A 88 17.45 -9.57 2.00
N VAL A 89 17.65 -10.54 2.87
CA VAL A 89 16.64 -10.90 3.88
C VAL A 89 17.21 -10.74 5.28
N HIS A 90 16.59 -9.85 6.04
CA HIS A 90 17.00 -9.43 7.38
C HIS A 90 16.65 -10.53 8.37
N PRO A 91 17.39 -10.62 9.49
CA PRO A 91 17.05 -11.62 10.49
C PRO A 91 15.57 -11.61 10.94
N CYS A 92 14.88 -10.47 10.85
CA CYS A 92 13.41 -10.34 11.12
C CYS A 92 12.63 -11.36 10.33
N CYS A 93 13.15 -11.71 9.18
CA CYS A 93 12.30 -12.16 8.10
C CYS A 93 12.78 -13.47 7.50
N VAL A 94 13.76 -14.10 8.15
CA VAL A 94 14.33 -15.34 7.58
C VAL A 94 13.35 -16.50 7.55
N ASN A 95 12.24 -16.39 8.28
CA ASN A 95 11.24 -17.46 8.20
C ASN A 95 10.67 -17.60 6.79
N GLU A 96 10.80 -16.56 5.97
CA GLU A 96 10.31 -16.67 4.59
C GLU A 96 11.09 -17.69 3.76
N PHE A 97 12.30 -18.04 4.19
CA PHE A 97 13.04 -19.13 3.54
C PHE A 97 12.41 -20.49 3.84
N ALA A 98 11.57 -20.56 4.87
CA ALA A 98 11.04 -21.84 5.33
C ALA A 98 9.55 -22.03 5.04
N GLU A 117 5.80 -18.66 19.45
CA GLU A 117 6.91 -19.37 20.09
C GLU A 117 7.10 -20.76 19.47
N ALA A 118 6.05 -21.57 19.49
CA ALA A 118 6.14 -22.96 19.01
C ALA A 118 6.54 -23.00 17.54
N TYR A 119 5.92 -22.14 16.74
CA TYR A 119 6.17 -22.11 15.32
C TYR A 119 7.63 -21.74 15.03
N ASN A 120 8.09 -20.62 15.60
CA ASN A 120 9.44 -20.16 15.33
C ASN A 120 10.49 -21.19 15.73
N GLU A 121 10.27 -21.83 16.88
CA GLU A 121 11.21 -22.78 17.45
C GLU A 121 11.23 -24.06 16.63
N SER A 122 10.11 -24.37 15.97
CA SER A 122 10.00 -25.61 15.22
C SER A 122 10.67 -25.58 13.85
N LEU A 123 10.94 -24.38 13.34
CA LEU A 123 11.26 -24.24 11.92
CA LEU A 123 11.26 -24.23 11.93
C LEU A 123 12.62 -24.79 11.54
N TYR A 124 13.64 -24.56 12.38
CA TYR A 124 14.98 -24.99 12.02
C TYR A 124 15.03 -26.50 11.79
N ALA A 125 14.52 -27.26 12.75
CA ALA A 125 14.56 -28.73 12.63
C ALA A 125 13.81 -29.19 11.39
N LYS A 126 12.73 -28.49 11.04
CA LYS A 126 11.91 -28.84 9.87
C LYS A 126 12.65 -28.55 8.57
N VAL A 127 13.40 -27.45 8.54
CA VAL A 127 14.20 -27.11 7.36
C VAL A 127 15.31 -28.14 7.15
N ILE A 128 16.01 -28.48 8.24
CA ILE A 128 17.09 -29.47 8.14
C ILE A 128 16.54 -30.82 7.68
N SER A 129 15.36 -31.18 8.19
CA SER A 129 14.73 -32.44 7.81
C SER A 129 14.28 -32.45 6.35
N ASN A 130 13.77 -31.33 5.87
CA ASN A 130 13.32 -31.19 4.46
C ASN A 130 13.73 -29.84 3.88
N PRO A 131 14.98 -29.72 3.38
CA PRO A 131 15.50 -28.42 2.93
C PRO A 131 15.06 -27.96 1.54
N SER A 132 14.19 -28.73 0.88
CA SER A 132 13.81 -28.40 -0.49
C SER A 132 13.19 -27.00 -0.67
N PHE A 133 12.26 -26.63 0.21
CA PHE A 133 11.60 -25.33 0.08
C PHE A 133 12.63 -24.20 0.24
N ALA A 134 13.47 -24.30 1.27
CA ALA A 134 14.53 -23.30 1.49
C ALA A 134 15.52 -23.24 0.33
N GLN A 135 15.84 -24.39 -0.24
CA GLN A 135 16.70 -24.41 -1.44
C GLN A 135 16.11 -23.57 -2.56
N GLY A 136 14.80 -23.69 -2.76
CA GLY A 136 14.10 -22.91 -3.79
C GLY A 136 14.08 -21.42 -3.50
N LYS A 137 13.90 -21.06 -2.23
CA LYS A 137 13.87 -19.65 -1.85
C LYS A 137 15.24 -19.01 -2.00
N LEU A 138 16.29 -19.74 -1.66
CA LEU A 138 17.63 -19.22 -1.85
C LEU A 138 17.95 -19.04 -3.33
N LYS A 139 17.50 -19.98 -4.15
CA LYS A 139 17.62 -19.83 -5.61
C LYS A 139 16.89 -18.58 -6.12
N GLU A 140 15.68 -18.37 -5.62
CA GLU A 140 14.88 -17.21 -6.01
C GLU A 140 15.63 -15.91 -5.67
N LEU A 141 16.23 -15.88 -4.49
CA LEU A 141 16.99 -14.70 -4.06
C LEU A 141 18.24 -14.44 -4.90
N TYR A 142 19.02 -15.50 -5.15
CA TYR A 142 20.18 -15.42 -6.04
C TYR A 142 19.78 -14.92 -7.43
N ASP A 143 18.73 -15.53 -7.96
CA ASP A 143 18.24 -15.13 -9.29
C ASP A 143 17.84 -13.65 -9.33
N LEU A 144 17.17 -13.17 -8.30
CA LEU A 144 16.80 -11.76 -8.21
C LEU A 144 18.02 -10.84 -8.20
N MET A 145 19.00 -11.17 -7.36
CA MET A 145 20.25 -10.41 -7.30
C MET A 145 20.92 -10.37 -8.67
N ASN A 146 21.02 -11.50 -9.33
CA ASN A 146 21.64 -11.53 -10.66
C ASN A 146 20.88 -10.72 -11.70
N GLN A 147 19.56 -10.85 -11.71
CA GLN A 147 18.71 -10.08 -12.63
C GLN A 147 18.96 -8.59 -12.43
N GLN A 148 18.98 -8.16 -11.17
CA GLN A 148 19.14 -6.74 -10.88
C GLN A 148 20.56 -6.22 -11.06
N ALA A 149 21.54 -7.09 -10.94
CA ALA A 149 22.94 -6.69 -11.09
C ALA A 149 23.34 -6.57 -12.56
N LYS A 150 22.52 -7.14 -13.44
CA LYS A 150 22.78 -7.18 -14.90
C LYS A 150 23.11 -5.83 -15.54
N PRO A 151 22.18 -4.86 -15.48
CA PRO A 151 22.38 -3.63 -16.25
C PRO A 151 23.58 -2.84 -15.75
N HIS A 152 24.36 -2.26 -16.68
CA HIS A 152 25.52 -1.46 -16.34
C HIS A 152 25.18 -0.30 -15.39
N ASP A 153 23.97 0.23 -15.51
CA ASP A 153 23.53 1.40 -14.74
C ASP A 153 22.58 1.06 -13.59
N THR A 154 22.65 -0.18 -13.09
CA THR A 154 21.71 -0.66 -12.08
C THR A 154 21.70 0.16 -10.79
N SER A 155 20.51 0.26 -10.19
CA SER A 155 20.34 0.93 -8.89
C SER A 155 20.60 -0.02 -7.73
N PHE A 156 20.71 -1.32 -8.01
CA PHE A 156 21.04 -2.33 -6.98
C PHE A 156 22.53 -2.23 -6.66
N ARG A 157 22.88 -1.77 -5.46
CA ARG A 157 24.30 -1.48 -5.15
C ARG A 157 24.87 -2.20 -3.93
N SER A 158 24.05 -2.93 -3.17
CA SER A 158 24.58 -3.57 -1.97
C SER A 158 23.70 -4.77 -1.59
N ILE A 159 24.33 -5.83 -1.11
CA ILE A 159 23.62 -7.02 -0.64
C ILE A 159 23.36 -6.85 0.86
N GLY A 160 22.09 -6.91 1.24
CA GLY A 160 21.67 -6.70 2.62
C GLY A 160 20.23 -6.21 2.61
N GLU A 161 19.62 -5.91 3.76
CA GLU A 161 20.18 -6.04 5.10
CA GLU A 161 20.26 -6.05 5.07
C GLU A 161 20.24 -7.50 5.52
N ILE A 162 21.43 -8.02 5.85
CA ILE A 162 21.55 -9.38 6.38
C ILE A 162 22.37 -9.36 7.67
N GLY A 163 22.10 -10.31 8.55
CA GLY A 163 22.88 -10.38 9.78
C GLY A 163 22.13 -11.07 10.89
N LEU A 164 22.32 -10.56 12.10
CA LEU A 164 21.78 -11.19 13.30
C LEU A 164 21.11 -10.14 14.19
N ASP A 165 19.98 -10.49 14.80
CA ASP A 165 19.31 -9.58 15.72
C ASP A 165 18.74 -10.36 16.88
N TYR A 166 19.49 -10.36 17.96
CA TYR A 166 19.13 -11.14 19.14
C TYR A 166 18.14 -10.40 20.06
N ASP A 167 17.76 -9.19 19.68
CA ASP A 167 16.65 -8.49 20.35
C ASP A 167 15.30 -8.90 19.73
N ARG A 168 15.34 -9.77 18.72
CA ARG A 168 14.13 -10.10 17.95
C ARG A 168 13.89 -11.60 17.79
N PHE A 169 14.18 -12.37 18.84
CA PHE A 169 13.91 -13.80 18.77
C PHE A 169 12.42 -14.11 18.70
N HIS A 170 11.58 -13.11 18.95
CA HIS A 170 10.15 -13.28 18.75
C HIS A 170 9.75 -13.35 17.28
N TYR A 171 10.66 -12.88 16.40
CA TYR A 171 10.45 -12.94 14.95
C TYR A 171 11.07 -14.18 14.31
N SER A 172 12.22 -14.60 14.83
CA SER A 172 12.94 -15.75 14.25
C SER A 172 13.88 -16.33 15.28
N SER A 173 14.06 -17.65 15.24
CA SER A 173 14.97 -18.29 16.17
C SER A 173 16.44 -17.97 15.87
N LYS A 174 17.27 -18.12 16.90
CA LYS A 174 18.71 -17.93 16.71
C LYS A 174 19.25 -18.84 15.61
N GLU A 175 18.81 -20.09 15.61
CA GLU A 175 19.33 -21.05 14.64
C GLU A 175 18.93 -20.64 13.20
N MET A 176 17.69 -20.19 13.03
CA MET A 176 17.24 -19.76 11.71
C MET A 176 18.01 -18.50 11.26
N GLN A 177 18.27 -17.60 12.20
CA GLN A 177 19.05 -16.40 11.87
C GLN A 177 20.45 -16.78 11.42
N LYS A 178 21.12 -17.63 12.18
CA LYS A 178 22.52 -17.95 11.88
C LYS A 178 22.61 -18.69 10.53
N VAL A 179 21.73 -19.67 10.33
CA VAL A 179 21.80 -20.44 9.08
C VAL A 179 21.58 -19.57 7.84
N PHE A 180 20.55 -18.73 7.86
CA PHE A 180 20.22 -17.95 6.67
C PHE A 180 21.04 -16.68 6.49
N PHE A 181 21.65 -16.18 7.57
CA PHE A 181 22.71 -15.18 7.40
C PHE A 181 23.87 -15.82 6.60
N GLU A 182 24.30 -16.99 7.04
CA GLU A 182 25.42 -17.65 6.39
C GLU A 182 25.12 -18.06 4.95
N GLU A 183 23.92 -18.59 4.68
CA GLU A 183 23.60 -18.97 3.29
C GLU A 183 23.55 -17.75 2.37
N GLN A 184 23.06 -16.62 2.88
CA GLN A 184 23.10 -15.39 2.09
C GLN A 184 24.51 -14.87 1.87
N LEU A 185 25.38 -15.03 2.87
CA LEU A 185 26.78 -14.69 2.65
C LEU A 185 27.35 -15.56 1.54
N LYS A 186 26.99 -16.84 1.52
CA LYS A 186 27.50 -17.71 0.46
C LYS A 186 27.02 -17.24 -0.91
N ILE A 187 25.73 -16.95 -1.01
CA ILE A 187 25.16 -16.46 -2.27
C ILE A 187 25.89 -15.21 -2.75
N SER A 188 26.24 -14.34 -1.82
CA SER A 188 26.90 -13.07 -2.16
C SER A 188 28.31 -13.26 -2.72
N CYS A 189 28.81 -14.50 -2.59
CA CYS A 189 30.15 -14.91 -3.10
C CYS A 189 30.09 -15.81 -4.34
N LEU A 190 28.89 -16.12 -4.82
CA LEU A 190 28.73 -17.21 -5.81
C LEU A 190 29.27 -16.93 -7.19
N ASN A 191 29.36 -15.66 -7.55
CA ASN A 191 29.92 -15.27 -8.84
C ASN A 191 30.71 -13.98 -8.70
N ASP A 192 31.50 -13.63 -9.72
CA ASP A 192 32.40 -12.48 -9.61
C ASP A 192 31.68 -11.15 -9.40
N LYS A 193 30.55 -10.96 -10.07
CA LYS A 193 29.84 -9.68 -9.99
C LYS A 193 29.30 -9.45 -8.58
N LEU A 194 28.59 -10.44 -8.05
CA LEU A 194 28.07 -10.30 -6.68
C LEU A 194 29.18 -10.23 -5.66
N SER A 195 30.28 -10.93 -5.90
CA SER A 195 31.40 -10.94 -4.94
C SER A 195 31.99 -9.55 -4.68
N SER A 196 31.80 -8.65 -5.63
CA SER A 196 32.35 -7.29 -5.52
C SER A 196 31.39 -6.35 -4.79
N TYR A 197 30.13 -6.76 -4.66
CA TYR A 197 29.14 -5.91 -3.99
C TYR A 197 29.46 -5.72 -2.51
N PRO A 198 29.33 -4.49 -2.01
CA PRO A 198 29.49 -4.29 -0.56
C PRO A 198 28.32 -4.92 0.18
N LEU A 199 28.58 -5.36 1.41
CA LEU A 199 27.55 -5.95 2.25
C LEU A 199 27.01 -4.91 3.23
N PHE A 200 25.69 -4.91 3.35
CA PHE A 200 24.97 -4.02 4.26
C PHE A 200 24.44 -4.90 5.38
N LEU A 201 25.13 -4.83 6.52
CA LEU A 201 25.00 -5.83 7.58
C LEU A 201 24.26 -5.27 8.79
N HIS A 202 23.41 -6.13 9.35
CA HIS A 202 22.64 -5.82 10.56
C HIS A 202 23.22 -6.62 11.72
N MET A 203 23.49 -5.94 12.83
CA MET A 203 23.93 -6.61 14.03
C MET A 203 23.29 -5.89 15.21
N ARG A 204 22.54 -6.66 15.99
CA ARG A 204 22.05 -6.17 17.27
C ARG A 204 22.21 -7.26 18.32
N SER A 205 22.94 -6.94 19.39
CA SER A 205 23.09 -7.83 20.56
C SER A 205 23.62 -9.21 20.25
N ALA A 206 24.39 -9.31 19.16
CA ALA A 206 24.83 -10.59 18.63
C ALA A 206 26.30 -10.53 18.20
N CYS A 207 27.11 -9.70 18.87
CA CYS A 207 28.43 -9.40 18.32
C CYS A 207 29.31 -10.63 18.16
N ASP A 208 29.41 -11.46 19.20
CA ASP A 208 30.32 -12.60 19.11
C ASP A 208 29.93 -13.58 18.00
N ASP A 209 28.63 -13.89 17.89
CA ASP A 209 28.19 -14.81 16.84
C ASP A 209 28.32 -14.20 15.44
N PHE A 210 28.09 -12.89 15.34
CA PHE A 210 28.19 -12.16 14.06
C PHE A 210 29.64 -12.21 13.60
N VAL A 211 30.57 -11.91 14.50
CA VAL A 211 32.00 -11.95 14.16
C VAL A 211 32.45 -13.37 13.83
N GLN A 212 31.96 -14.35 14.58
CA GLN A 212 32.32 -15.74 14.34
C GLN A 212 31.97 -16.16 12.89
N ILE A 213 30.77 -15.81 12.45
CA ILE A 213 30.35 -16.18 11.10
C ILE A 213 31.17 -15.41 10.06
N LEU A 214 31.28 -14.10 10.23
CA LEU A 214 32.03 -13.31 9.26
C LEU A 214 33.50 -13.67 9.16
N GLU A 215 34.11 -14.02 10.30
CA GLU A 215 35.52 -14.37 10.30
C GLU A 215 35.82 -15.54 9.37
N ARG A 216 34.90 -16.50 9.30
CA ARG A 216 35.10 -17.64 8.39
C ARG A 216 35.16 -17.21 6.93
N PHE A 217 34.37 -16.20 6.56
CA PHE A 217 34.42 -15.66 5.21
C PHE A 217 35.62 -14.72 4.99
N VAL A 218 36.05 -14.02 6.05
CA VAL A 218 37.22 -13.15 5.94
C VAL A 218 38.49 -13.97 5.67
N VAL A 219 38.64 -15.08 6.40
CA VAL A 219 39.80 -15.98 6.24
C VAL A 219 39.62 -16.95 5.10
N GLY A 220 38.40 -17.40 4.90
CA GLY A 220 38.06 -18.42 3.89
C GLY A 220 37.73 -19.76 4.50
N PHE A 221 36.72 -20.44 3.95
CA PHE A 221 36.40 -21.80 4.37
C PHE A 221 35.78 -22.58 3.22
N THR A 222 35.81 -23.91 3.34
CA THR A 222 35.29 -24.78 2.31
C THR A 222 34.01 -25.46 2.79
N ASP A 223 32.97 -25.36 1.97
CA ASP A 223 31.66 -25.94 2.28
C ASP A 223 31.49 -27.21 1.45
N GLU A 224 31.93 -28.33 2.01
CA GLU A 224 31.82 -29.63 1.37
C GLU A 224 30.36 -30.07 1.28
N LYS A 225 29.62 -29.97 2.39
CA LYS A 225 28.26 -30.49 2.47
C LYS A 225 27.23 -29.76 1.59
N ASP A 226 27.33 -28.43 1.52
CA ASP A 226 26.41 -27.64 0.69
C ASP A 226 24.94 -28.08 0.85
N THR A 227 24.46 -28.05 2.08
CA THR A 227 23.11 -28.47 2.43
C THR A 227 22.05 -27.84 1.51
N PHE A 228 22.24 -26.57 1.17
CA PHE A 228 21.23 -25.86 0.38
C PHE A 228 21.52 -25.83 -1.12
N GLN A 229 22.50 -26.64 -1.53
CA GLN A 229 22.75 -26.91 -2.96
C GLN A 229 23.03 -25.65 -3.78
N LEU A 230 23.82 -24.74 -3.21
CA LEU A 230 24.13 -23.47 -3.88
C LEU A 230 25.10 -23.67 -5.03
N GLN A 231 25.93 -24.70 -4.93
CA GLN A 231 26.93 -24.97 -5.96
C GLN A 231 26.30 -25.54 -7.23
N LYS A 232 24.98 -25.73 -7.21
CA LYS A 232 24.18 -26.11 -8.39
C LYS A 232 23.63 -24.90 -9.12
N LEU A 233 23.75 -23.72 -8.50
CA LEU A 233 23.26 -22.48 -9.09
C LEU A 233 24.33 -21.87 -10.00
N SER A 236 31.14 -19.86 -9.17
CA SER A 236 32.37 -19.53 -9.88
C SER A 236 33.44 -20.62 -9.74
N SER A 237 33.26 -21.50 -8.75
CA SER A 237 34.20 -22.59 -8.50
C SER A 237 33.48 -23.84 -8.00
N SER A 238 33.95 -25.01 -8.45
CA SER A 238 33.45 -26.27 -7.95
C SER A 238 34.03 -26.58 -6.57
N SER A 239 34.98 -25.75 -6.13
CA SER A 239 35.80 -26.05 -4.95
C SER A 239 35.02 -26.00 -3.65
N GLY A 240 33.98 -25.17 -3.59
CA GLY A 240 33.25 -24.95 -2.35
C GLY A 240 33.92 -23.96 -1.41
N PHE A 241 35.00 -23.32 -1.89
CA PHE A 241 35.77 -22.37 -1.09
C PHE A 241 35.15 -20.98 -1.17
N TYR A 242 34.72 -20.50 0.00
CA TYR A 242 34.12 -19.18 0.17
C TYR A 242 35.09 -18.25 0.88
N LYS A 243 35.41 -17.12 0.26
CA LYS A 243 36.23 -16.09 0.91
C LYS A 243 35.87 -14.73 0.35
N PHE A 244 35.68 -13.74 1.22
CA PHE A 244 35.43 -12.40 0.71
C PHE A 244 36.59 -11.89 -0.14
N HIS A 245 36.25 -11.21 -1.23
CA HIS A 245 37.24 -10.48 -2.00
C HIS A 245 38.01 -9.51 -1.09
N PRO A 246 39.33 -9.35 -1.30
CA PRO A 246 40.08 -8.52 -0.37
C PRO A 246 39.65 -7.04 -0.37
N ASP A 247 38.94 -6.61 -1.42
CA ASP A 247 38.42 -5.24 -1.47
C ASP A 247 36.93 -5.10 -1.14
N ARG A 248 36.27 -6.21 -0.80
CA ARG A 248 34.84 -6.12 -0.46
C ARG A 248 34.65 -5.34 0.84
N LYS A 249 33.71 -4.39 0.80
CA LYS A 249 33.43 -3.55 1.97
C LYS A 249 32.28 -4.15 2.78
N LEU A 250 32.41 -4.04 4.10
CA LEU A 250 31.53 -4.71 5.04
C LEU A 250 30.97 -3.62 5.95
N VAL A 251 29.74 -3.20 5.69
CA VAL A 251 29.16 -2.05 6.37
C VAL A 251 28.24 -2.52 7.47
N VAL A 252 28.58 -2.19 8.71
CA VAL A 252 27.74 -2.53 9.85
C VAL A 252 26.80 -1.35 10.13
N HIS A 253 25.56 -1.50 9.68
CA HIS A 253 24.50 -0.46 9.74
C HIS A 253 24.07 -0.19 11.17
N SER A 254 23.73 1.06 11.44
CA SER A 254 22.99 1.41 12.66
C SER A 254 23.63 0.86 13.94
N PHE A 255 24.92 1.14 14.11
CA PHE A 255 25.67 0.61 15.23
C PHE A 255 25.32 1.26 16.56
N THR A 256 24.98 0.43 17.56
CA THR A 256 24.64 0.96 18.89
C THR A 256 25.31 0.15 20.01
N GLY A 257 26.34 -0.61 19.66
CA GLY A 257 27.01 -1.50 20.60
C GLY A 257 28.01 -0.84 21.54
N SER A 258 28.67 -1.67 22.32
CA SER A 258 29.62 -1.21 23.30
C SER A 258 30.99 -0.93 22.70
N ALA A 259 31.87 -0.31 23.48
CA ALA A 259 33.26 -0.09 23.06
C ALA A 259 33.97 -1.40 22.76
N ILE A 260 33.70 -2.44 23.55
CA ILE A 260 34.29 -3.76 23.32
C ILE A 260 33.79 -4.34 22.00
N ASP A 261 32.49 -4.21 21.74
CA ASP A 261 31.91 -4.68 20.48
C ASP A 261 32.55 -3.96 19.30
N LEU A 262 32.71 -2.64 19.44
CA LEU A 262 33.31 -1.85 18.35
C LEU A 262 34.71 -2.38 18.00
N GLN A 263 35.53 -2.62 19.01
CA GLN A 263 36.88 -3.10 18.77
C GLN A 263 36.86 -4.49 18.09
N LYS A 264 35.93 -5.36 18.48
CA LYS A 264 35.81 -6.65 17.80
C LYS A 264 35.48 -6.46 16.33
N LEU A 265 34.59 -5.51 16.01
CA LEU A 265 34.22 -5.27 14.62
C LEU A 265 35.39 -4.68 13.83
N LEU A 266 36.06 -3.68 14.40
CA LEU A 266 37.15 -3.02 13.69
C LEU A 266 38.31 -3.96 13.40
N ASN A 267 38.53 -4.90 14.32
CA ASN A 267 39.63 -5.85 14.21
C ASN A 267 39.32 -7.02 13.29
N LEU A 268 38.05 -7.25 13.00
CA LEU A 268 37.63 -8.31 12.10
C LEU A 268 38.24 -8.14 10.70
N SER A 269 38.27 -6.90 10.21
CA SER A 269 38.76 -6.58 8.87
C SER A 269 38.97 -5.09 8.73
N PRO A 270 40.02 -4.66 8.01
CA PRO A 270 40.20 -3.24 7.72
C PRO A 270 39.07 -2.70 6.85
N ASN A 271 38.28 -3.61 6.28
CA ASN A 271 37.18 -3.23 5.39
C ASN A 271 35.82 -3.16 6.07
N ILE A 272 35.82 -3.27 7.40
CA ILE A 272 34.62 -3.01 8.22
C ILE A 272 34.43 -1.50 8.35
N PHE A 273 33.21 -1.07 8.07
CA PHE A 273 32.79 0.32 8.28
C PHE A 273 31.63 0.32 9.26
N ILE A 274 31.45 1.44 9.96
CA ILE A 274 30.45 1.54 11.02
C ILE A 274 29.46 2.64 10.67
N GLY A 275 28.19 2.26 10.52
CA GLY A 275 27.12 3.23 10.26
C GLY A 275 26.61 3.87 11.55
N VAL A 276 26.50 5.19 11.52
CA VAL A 276 26.11 5.99 12.68
C VAL A 276 24.88 6.83 12.32
N ASN A 277 23.81 6.64 13.09
CA ASN A 277 22.59 7.41 12.95
C ASN A 277 22.20 7.96 14.33
N GLY A 278 21.00 8.54 14.43
CA GLY A 278 20.58 9.14 15.70
C GLY A 278 20.49 8.12 16.82
N CYS A 279 20.14 6.88 16.51
CA CYS A 279 20.09 5.83 17.53
C CYS A 279 21.48 5.50 18.11
N SER A 280 22.51 5.69 17.29
CA SER A 280 23.90 5.50 17.69
C SER A 280 24.41 6.60 18.62
N LEU A 281 23.57 7.61 18.91
CA LEU A 281 24.02 8.86 19.57
C LEU A 281 23.14 9.23 20.79
N ARG A 282 22.40 8.25 21.31
CA ARG A 282 21.36 8.55 22.31
C ARG A 282 21.88 8.81 23.71
N THR A 283 22.89 8.05 24.13
CA THR A 283 23.42 8.20 25.48
C THR A 283 24.87 8.70 25.48
N GLU A 284 25.35 9.15 26.63
CA GLU A 284 26.76 9.56 26.71
C GLU A 284 27.72 8.40 26.38
N GLU A 285 27.36 7.19 26.79
CA GLU A 285 28.13 5.99 26.42
C GLU A 285 28.19 5.83 24.90
N ASN A 286 27.04 5.94 24.23
CA ASN A 286 27.02 5.91 22.75
C ASN A 286 27.99 6.93 22.16
N LEU A 287 27.98 8.16 22.66
CA LEU A 287 28.85 9.19 22.12
C LEU A 287 30.32 8.84 22.31
N ALA A 288 30.65 8.26 23.48
CA ALA A 288 32.04 7.85 23.78
C ALA A 288 32.49 6.75 22.83
N VAL A 289 31.57 5.87 22.47
CA VAL A 289 31.89 4.79 21.54
C VAL A 289 32.09 5.38 20.15
N VAL A 290 31.19 6.25 19.69
CA VAL A 290 31.33 6.91 18.38
C VAL A 290 32.67 7.65 18.25
N LYS A 291 33.13 8.27 19.34
CA LYS A 291 34.39 9.02 19.30
C LYS A 291 35.56 8.10 18.92
N GLN A 292 35.43 6.81 19.24
CA GLN A 292 36.49 5.82 18.97
C GLN A 292 36.45 5.21 17.57
N ILE A 293 35.40 5.49 16.81
CA ILE A 293 35.34 4.99 15.43
C ILE A 293 36.33 5.78 14.56
N PRO A 294 37.29 5.11 13.89
CA PRO A 294 38.18 5.88 13.00
C PRO A 294 37.36 6.69 11.99
N THR A 295 37.68 7.98 11.86
CA THR A 295 36.81 8.88 11.11
C THR A 295 36.57 8.42 9.66
N GLU A 296 37.59 7.89 9.00
CA GLU A 296 37.42 7.39 7.64
C GLU A 296 36.69 6.05 7.53
N ARG A 297 36.34 5.46 8.68
CA ARG A 297 35.58 4.23 8.68
C ARG A 297 34.16 4.42 9.17
N LEU A 298 33.77 5.68 9.33
CA LEU A 298 32.45 6.06 9.85
C LEU A 298 31.58 6.49 8.68
N LEU A 299 30.37 5.93 8.60
CA LEU A 299 29.40 6.34 7.59
C LEU A 299 28.17 6.90 8.26
N LEU A 300 27.53 7.88 7.61
CA LEU A 300 26.38 8.55 8.22
C LEU A 300 25.08 8.04 7.61
N GLU A 301 24.03 8.02 8.44
CA GLU A 301 22.71 7.54 8.02
C GLU A 301 21.69 8.11 8.95
N THR A 302 20.44 8.15 8.49
CA THR A 302 19.35 8.58 9.37
C THR A 302 18.54 7.42 9.95
N ASP A 303 18.46 6.30 9.22
CA ASP A 303 17.50 5.22 9.54
C ASP A 303 16.05 5.72 9.47
N ALA A 304 15.83 6.83 8.76
CA ALA A 304 14.48 7.39 8.65
C ALA A 304 13.50 6.27 8.20
N PRO A 305 12.30 6.21 8.79
CA PRO A 305 11.67 7.19 9.68
C PRO A 305 12.03 7.07 11.17
N TRP A 306 12.93 6.15 11.50
CA TRP A 306 13.36 5.91 12.88
C TRP A 306 14.52 6.82 13.27
N CYS A 307 14.88 6.76 14.55
CA CYS A 307 16.12 7.37 15.05
C CYS A 307 16.18 8.89 15.02
N GLU A 308 15.02 9.52 15.22
CA GLU A 308 14.98 10.98 15.41
C GLU A 308 15.91 11.35 16.58
N ILE A 309 16.71 12.39 16.38
CA ILE A 309 17.50 12.97 17.47
C ILE A 309 16.56 13.84 18.33
N LYS A 310 16.40 13.41 19.58
CA LYS A 310 15.42 14.02 20.49
C LYS A 310 16.09 14.81 21.60
N ARG A 311 15.31 15.70 22.21
CA ARG A 311 15.81 16.55 23.28
C ARG A 311 16.28 15.78 24.50
N THR A 312 15.74 14.57 24.67
CA THR A 312 16.11 13.68 25.77
C THR A 312 17.33 12.80 25.45
N HIS A 313 17.98 13.05 24.31
CA HIS A 313 19.20 12.31 23.93
C HIS A 313 20.45 13.13 24.23
N ALA A 314 21.56 12.45 24.54
CA ALA A 314 22.82 13.15 24.83
C ALA A 314 23.32 13.95 23.62
N SER A 315 22.90 13.55 22.43
CA SER A 315 23.24 14.24 21.20
C SER A 315 22.64 15.65 21.08
N PHE A 316 21.49 15.89 21.71
CA PHE A 316 20.77 17.13 21.45
C PHE A 316 21.57 18.36 21.79
N GLN A 317 22.40 18.29 22.83
CA GLN A 317 23.15 19.47 23.23
C GLN A 317 23.93 20.12 22.08
N TYR A 318 24.40 19.31 21.14
CA TYR A 318 25.13 19.83 19.98
C TYR A 318 24.23 20.51 18.97
N LEU A 319 23.00 20.03 18.82
CA LEU A 319 22.02 20.74 17.99
C LEU A 319 21.57 22.05 18.66
N ALA A 320 21.42 22.03 19.98
CA ALA A 320 21.11 23.25 20.73
C ALA A 320 22.20 24.30 20.48
N LYS A 321 23.47 23.89 20.59
CA LYS A 321 24.62 24.77 20.33
C LYS A 321 24.53 25.38 18.94
N TYR A 322 24.28 24.54 17.93
CA TYR A 322 24.17 25.02 16.57
C TYR A 322 23.00 25.98 16.34
N GLN A 323 21.88 25.72 17.01
CA GLN A 323 20.71 26.59 16.96
C GLN A 323 21.09 27.98 17.47
N GLU A 324 21.86 27.98 18.57
CA GLU A 324 22.20 29.21 19.28
C GLU A 324 23.26 30.03 18.57
N VAL A 325 24.35 29.37 18.16
CA VAL A 325 25.54 30.10 17.73
C VAL A 325 25.85 29.98 16.24
N ARG A 326 25.17 29.06 15.55
CA ARG A 326 25.57 28.72 14.18
C ARG A 326 24.45 28.84 13.15
N ASP A 327 23.38 29.55 13.48
CA ASP A 327 22.28 29.83 12.55
C ASP A 327 21.56 28.58 12.06
N PHE A 328 21.44 27.57 12.92
CA PHE A 328 20.87 26.29 12.50
C PHE A 328 19.36 26.21 12.74
N GLU A 329 18.64 25.74 11.73
CA GLU A 329 17.19 25.58 11.81
C GLU A 329 16.80 24.17 12.24
N TYR A 330 16.16 24.08 13.42
CA TYR A 330 15.61 22.84 13.98
C TYR A 330 14.14 23.08 14.34
N PRO A 331 13.21 22.29 13.77
CA PRO A 331 13.44 21.32 12.70
C PRO A 331 13.75 22.01 11.38
N ALA A 332 14.14 21.25 10.36
CA ALA A 332 14.60 21.84 9.10
C ALA A 332 13.48 22.51 8.30
N PHE A 333 12.26 22.06 8.54
CA PHE A 333 11.03 22.54 7.89
C PHE A 333 9.97 22.46 8.97
N LYS A 334 8.86 23.17 8.79
CA LYS A 334 7.78 23.13 9.79
C LYS A 334 7.30 21.69 9.92
N SER A 335 7.05 21.24 11.15
CA SER A 335 6.65 19.88 11.46
C SER A 335 5.24 19.92 12.06
N VAL A 336 4.32 19.14 11.50
CA VAL A 336 2.93 19.11 11.98
C VAL A 336 2.54 17.68 12.38
N LYS A 337 1.47 17.55 13.15
CA LYS A 337 0.98 16.22 13.51
C LYS A 337 0.50 15.50 12.26
N LYS A 338 0.54 14.16 12.28
CA LYS A 338 0.19 13.37 11.08
C LYS A 338 -1.21 13.68 10.50
N ASN A 339 -2.16 14.06 11.38
CA ASN A 339 -3.51 14.38 10.91
C ASN A 339 -3.66 15.79 10.34
N LYS A 340 -2.57 16.56 10.37
CA LYS A 340 -2.56 17.94 9.86
C LYS A 340 -1.77 18.11 8.57
N LEU A 341 -1.10 17.04 8.12
CA LEU A 341 -0.23 17.14 6.95
C LEU A 341 -1.02 17.28 5.63
N ALA A 342 -2.10 16.51 5.50
CA ALA A 342 -2.76 16.40 4.19
C ALA A 342 -3.17 17.75 3.61
N ASP A 343 -3.73 18.62 4.44
CA ASP A 343 -4.17 19.94 3.99
C ASP A 343 -3.01 20.81 3.50
N LYS A 344 -1.79 20.47 3.93
CA LYS A 344 -0.61 21.22 3.52
C LYS A 344 -0.05 20.78 2.16
N LEU A 345 -0.53 19.66 1.63
CA LEU A 345 0.12 19.04 0.46
C LEU A 345 -0.11 19.66 -0.93
N ASN A 346 -1.07 20.57 -1.04
CA ASN A 346 -1.25 21.30 -2.29
C ASN A 346 -0.33 22.54 -2.34
N ALA A 347 0.04 23.05 -1.17
CA ALA A 347 0.90 24.24 -1.06
C ALA A 347 2.32 23.94 -1.51
N GLU A 348 3.04 24.99 -1.88
CA GLU A 348 4.40 24.82 -2.35
C GLU A 348 5.40 24.63 -1.22
N GLU A 349 5.10 25.20 -0.05
CA GLU A 349 5.96 25.05 1.14
C GLU A 349 5.97 23.59 1.61
N LEU A 350 7.11 23.15 2.14
CA LEU A 350 7.35 21.75 2.50
C LEU A 350 7.22 21.55 4.00
N TYR A 351 6.52 20.48 4.39
CA TYR A 351 6.23 20.20 5.79
C TYR A 351 6.62 18.78 6.17
N MET A 352 7.08 18.62 7.41
CA MET A 352 7.43 17.32 8.01
C MET A 352 6.31 16.87 8.95
N VAL A 353 6.39 15.61 9.35
CA VAL A 353 5.42 15.04 10.28
C VAL A 353 6.11 14.78 11.61
N LYS A 354 5.55 15.33 12.69
CA LYS A 354 6.13 15.17 14.04
C LYS A 354 6.30 13.69 14.35
N GLY A 355 7.49 13.31 14.80
CA GLY A 355 7.78 11.93 15.16
C GLY A 355 8.28 11.05 14.02
N ARG A 356 8.23 11.55 12.79
CA ARG A 356 8.66 10.79 11.62
C ARG A 356 9.98 11.37 11.13
N ASN A 357 11.06 10.62 11.33
CA ASN A 357 12.37 11.11 10.89
C ASN A 357 12.48 11.11 9.37
N GLU A 358 13.39 11.92 8.83
CA GLU A 358 13.57 12.03 7.39
C GLU A 358 15.03 12.10 6.99
N PRO A 359 15.34 11.74 5.73
CA PRO A 359 16.74 11.89 5.26
C PRO A 359 17.27 13.33 5.29
N CYS A 360 16.39 14.34 5.28
CA CYS A 360 16.89 15.71 5.37
C CYS A 360 17.56 16.00 6.70
N ASN A 361 17.47 15.07 7.63
CA ASN A 361 18.10 15.23 8.94
C ASN A 361 19.51 14.64 9.02
N MET A 362 20.06 14.28 7.87
CA MET A 362 21.49 13.90 7.80
C MET A 362 22.39 14.94 8.46
N GLU A 363 22.11 16.20 8.16
CA GLU A 363 22.92 17.30 8.70
C GLU A 363 22.98 17.30 10.22
N GLN A 364 21.92 16.84 10.89
CA GLN A 364 21.93 16.76 12.35
C GLN A 364 22.90 15.68 12.82
N VAL A 365 22.91 14.54 12.14
CA VAL A 365 23.84 13.48 12.54
C VAL A 365 25.28 13.97 12.36
N ALA A 366 25.54 14.67 11.24
CA ALA A 366 26.89 15.17 10.95
C ALA A 366 27.34 16.18 12.02
N ILE A 367 26.44 17.07 12.42
CA ILE A 367 26.76 18.07 13.46
C ILE A 367 27.16 17.37 14.75
N VAL A 368 26.34 16.40 15.16
CA VAL A 368 26.63 15.70 16.41
C VAL A 368 27.98 14.96 16.34
N VAL A 369 28.20 14.22 15.26
CA VAL A 369 29.44 13.45 15.15
C VAL A 369 30.66 14.37 15.13
N SER A 370 30.54 15.50 14.43
CA SER A 370 31.65 16.44 14.36
CA SER A 370 31.63 16.48 14.35
C SER A 370 32.00 17.01 15.73
N GLU A 371 30.98 17.35 16.52
CA GLU A 371 31.21 17.89 17.85
C GLU A 371 31.79 16.84 18.80
N VAL A 372 31.24 15.63 18.75
CA VAL A 372 31.72 14.53 19.58
C VAL A 372 33.19 14.21 19.31
N LYS A 373 33.57 14.19 18.04
CA LYS A 373 34.93 13.83 17.64
C LYS A 373 35.90 14.99 17.62
N ASP A 374 35.40 16.21 17.78
CA ASP A 374 36.21 17.41 17.66
C ASP A 374 36.94 17.42 16.30
N VAL A 375 36.17 17.15 15.26
CA VAL A 375 36.59 17.20 13.88
C VAL A 375 35.74 18.29 13.28
N ASP A 376 36.37 19.26 12.63
CA ASP A 376 35.69 20.29 11.87
C ASP A 376 34.52 19.73 11.03
N LEU A 377 33.36 20.38 11.09
CA LEU A 377 32.16 19.87 10.42
C LEU A 377 32.36 19.62 8.90
N ALA A 378 32.88 20.60 8.19
CA ALA A 378 33.07 20.46 6.74
C ALA A 378 34.06 19.33 6.45
N THR A 379 35.06 19.20 7.32
CA THR A 379 36.08 18.13 7.20
C THR A 379 35.42 16.75 7.31
N LEU A 380 34.60 16.59 8.34
CA LEU A 380 33.89 15.34 8.55
C LEU A 380 32.96 15.02 7.37
N ILE A 381 32.19 16.01 6.94
CA ILE A 381 31.26 15.82 5.82
C ILE A 381 31.98 15.37 4.55
N ASP A 382 33.09 16.04 4.25
CA ASP A 382 33.92 15.68 3.11
C ASP A 382 34.48 14.25 3.20
N THR A 383 35.06 13.88 4.34
CA THR A 383 35.59 12.51 4.47
C THR A 383 34.46 11.49 4.32
N THR A 384 33.35 11.68 5.03
CA THR A 384 32.25 10.71 4.94
C THR A 384 31.62 10.63 3.56
N TRP A 385 31.49 11.77 2.89
CA TRP A 385 30.97 11.76 1.52
C TRP A 385 31.84 10.89 0.58
N LYS A 386 33.14 11.16 0.61
CA LYS A 386 34.05 10.47 -0.30
C LYS A 386 34.12 9.00 0.01
N THR A 387 34.14 8.66 1.29
CA THR A 387 34.19 7.26 1.70
C THR A 387 32.91 6.52 1.28
N THR A 388 31.76 7.15 1.49
CA THR A 388 30.50 6.51 1.14
C THR A 388 30.37 6.30 -0.37
N CYS A 389 30.75 7.32 -1.14
CA CYS A 389 30.71 7.20 -2.60
C CYS A 389 31.59 6.05 -3.10
N LYS A 390 32.75 5.87 -2.49
CA LYS A 390 33.65 4.78 -2.89
C LYS A 390 32.98 3.42 -2.64
N ILE A 391 32.25 3.32 -1.55
CA ILE A 391 31.63 2.04 -1.21
C ILE A 391 30.42 1.71 -2.08
N PHE A 392 29.49 2.66 -2.22
CA PHE A 392 28.21 2.38 -2.85
C PHE A 392 28.07 2.92 -4.28
N GLY A 393 28.92 3.86 -4.64
CA GLY A 393 28.87 4.48 -5.97
C GLY A 393 28.30 5.88 -5.94
N PRO B 11 -25.88 23.66 -16.74
CA PRO B 11 -24.69 23.21 -16.03
C PRO B 11 -24.68 21.69 -15.86
N LEU B 12 -23.68 21.04 -16.46
CA LEU B 12 -23.58 19.58 -16.38
C LEU B 12 -22.98 19.18 -15.04
N LYS B 13 -23.57 18.17 -14.42
CA LYS B 13 -23.12 17.70 -13.12
C LYS B 13 -23.25 16.20 -13.09
N TYR B 14 -22.17 15.50 -12.77
CA TYR B 14 -22.19 14.03 -12.65
C TYR B 14 -21.91 13.59 -11.22
N TYR B 15 -22.53 12.48 -10.84
CA TYR B 15 -22.37 11.87 -9.54
C TYR B 15 -22.03 10.40 -9.77
N ASP B 16 -20.74 10.05 -9.69
CA ASP B 16 -20.30 8.67 -9.94
C ASP B 16 -20.61 7.81 -8.74
N ILE B 17 -21.59 6.88 -8.86
CA ILE B 17 -21.94 6.07 -7.70
C ILE B 17 -21.02 4.86 -7.55
N GLY B 18 -20.06 4.69 -8.44
CA GLY B 18 -19.24 3.46 -8.43
C GLY B 18 -17.79 3.76 -8.64
N LEU B 19 -17.16 4.44 -7.70
CA LEU B 19 -15.74 4.74 -7.85
C LEU B 19 -14.91 3.88 -6.91
N ASN B 20 -14.11 2.99 -7.47
CA ASN B 20 -13.28 2.10 -6.65
C ASN B 20 -11.93 2.76 -6.32
N LEU B 21 -12.00 3.85 -5.55
CA LEU B 21 -10.82 4.69 -5.36
C LEU B 21 -9.70 4.01 -4.60
N THR B 22 -10.02 2.98 -3.83
CA THR B 22 -8.99 2.24 -3.10
C THR B 22 -8.23 1.25 -3.97
N ASP B 23 -8.64 1.07 -5.24
CA ASP B 23 -8.02 0.05 -6.07
C ASP B 23 -6.53 0.31 -6.24
N PRO B 24 -5.72 -0.75 -6.11
CA PRO B 24 -4.28 -0.53 -6.25
C PRO B 24 -3.83 0.22 -7.51
N MET B 25 -4.55 0.11 -8.62
CA MET B 25 -4.16 0.84 -9.84
C MET B 25 -4.10 2.35 -9.60
N PHE B 26 -5.00 2.87 -8.77
CA PHE B 26 -5.01 4.31 -8.46
C PHE B 26 -3.88 4.70 -7.52
N HIS B 27 -3.22 3.70 -6.95
CA HIS B 27 -2.03 3.88 -6.11
C HIS B 27 -0.76 3.49 -6.85
N GLY B 28 -0.87 3.33 -8.15
CA GLY B 28 0.28 3.09 -9.02
C GLY B 28 0.72 1.64 -9.12
N ILE B 29 -0.11 0.71 -8.64
CA ILE B 29 0.24 -0.73 -8.56
C ILE B 29 -0.58 -1.53 -9.57
N TYR B 30 0.12 -2.30 -10.42
CA TYR B 30 -0.49 -3.06 -11.50
C TYR B 30 0.09 -4.47 -11.48
N ASN B 31 -0.76 -5.48 -11.44
CA ASN B 31 -0.29 -6.87 -11.33
C ASN B 31 0.69 -7.04 -10.15
N GLY B 32 0.39 -6.37 -9.04
CA GLY B 32 1.21 -6.45 -7.81
C GLY B 32 2.57 -5.75 -7.84
N LYS B 33 2.80 -4.93 -8.88
CA LYS B 33 4.08 -4.23 -9.08
C LYS B 33 3.80 -2.74 -9.09
N GLN B 34 4.59 -1.96 -8.36
CA GLN B 34 4.46 -0.51 -8.41
C GLN B 34 5.17 0.04 -9.65
N TYR B 35 4.43 0.78 -10.46
CA TYR B 35 4.97 1.44 -11.67
C TYR B 35 5.14 2.95 -11.52
N HIS B 36 4.27 3.57 -10.72
CA HIS B 36 4.33 5.01 -10.57
C HIS B 36 3.81 5.43 -9.20
N PRO B 37 4.15 6.65 -8.72
CA PRO B 37 3.51 7.11 -7.48
C PRO B 37 2.00 7.23 -7.63
N ALA B 38 1.28 6.99 -6.53
CA ALA B 38 -0.17 7.18 -6.52
C ALA B 38 -0.53 8.54 -7.10
N ASP B 39 -1.55 8.58 -7.93
CA ASP B 39 -1.92 9.84 -8.62
C ASP B 39 -3.40 10.14 -8.44
N TYR B 40 -3.98 9.69 -7.32
CA TYR B 40 -5.42 9.84 -7.17
C TYR B 40 -5.86 11.29 -7.00
N VAL B 41 -5.01 12.17 -6.48
CA VAL B 41 -5.39 13.59 -6.43
C VAL B 41 -5.53 14.20 -7.84
N LYS B 42 -4.55 13.95 -8.72
CA LYS B 42 -4.65 14.36 -10.11
C LYS B 42 -5.82 13.66 -10.82
N LEU B 43 -6.10 12.41 -10.44
CA LEU B 43 -7.29 11.73 -10.94
C LEU B 43 -8.56 12.50 -10.60
N LEU B 44 -8.65 12.95 -9.35
CA LEU B 44 -9.83 13.71 -8.91
C LEU B 44 -9.92 15.07 -9.62
N GLU B 45 -8.76 15.68 -9.88
CA GLU B 45 -8.71 16.93 -10.66
C GLU B 45 -9.24 16.74 -12.10
N ARG B 46 -8.83 15.67 -12.77
CA ARG B 46 -9.35 15.31 -14.09
C ARG B 46 -10.87 15.13 -14.04
N ALA B 47 -11.38 14.45 -13.00
CA ALA B 47 -12.82 14.24 -12.89
C ALA B 47 -13.58 15.56 -12.72
N ALA B 48 -13.03 16.46 -11.90
CA ALA B 48 -13.63 17.78 -11.69
C ALA B 48 -13.66 18.56 -12.98
N GLN B 49 -12.56 18.48 -13.75
CA GLN B 49 -12.54 19.16 -15.07
C GLN B 49 -13.66 18.66 -15.96
N ARG B 50 -14.04 17.38 -15.83
CA ARG B 50 -15.08 16.83 -16.68
C ARG B 50 -16.43 16.77 -15.96
N HIS B 51 -16.63 17.70 -15.01
CA HIS B 51 -17.94 18.00 -14.41
C HIS B 51 -18.46 17.00 -13.39
N VAL B 52 -17.59 16.12 -12.91
CA VAL B 52 -17.95 15.21 -11.84
C VAL B 52 -17.88 15.99 -10.52
N LYS B 53 -19.00 16.04 -9.81
CA LYS B 53 -19.11 16.85 -8.61
C LYS B 53 -18.99 16.01 -7.36
N ASN B 54 -19.56 14.80 -7.40
CA ASN B 54 -19.59 13.91 -6.25
C ASN B 54 -19.24 12.53 -6.72
N ALA B 55 -18.69 11.71 -5.82
CA ALA B 55 -18.54 10.29 -6.11
C ALA B 55 -18.71 9.47 -4.84
N LEU B 56 -19.19 8.25 -5.03
CA LEU B 56 -19.32 7.29 -3.93
C LEU B 56 -18.23 6.24 -4.06
N VAL B 57 -17.38 6.18 -3.04
CA VAL B 57 -16.21 5.30 -3.02
C VAL B 57 -16.67 3.99 -2.40
N THR B 58 -16.41 2.90 -3.13
CA THR B 58 -16.89 1.59 -2.74
CA THR B 58 -16.88 1.58 -2.77
C THR B 58 -16.01 0.94 -1.69
N GLY B 59 -16.67 0.34 -0.70
CA GLY B 59 -15.99 -0.52 0.28
C GLY B 59 -16.45 -1.95 0.06
N SER B 60 -15.53 -2.91 0.11
CA SER B 60 -15.86 -4.31 -0.20
C SER B 60 -15.51 -5.35 0.88
N SER B 61 -14.92 -4.90 1.98
CA SER B 61 -14.70 -5.74 3.14
C SER B 61 -14.60 -4.85 4.36
N ILE B 62 -14.48 -5.42 5.56
CA ILE B 62 -14.27 -4.55 6.71
C ILE B 62 -12.97 -3.77 6.53
N ALA B 63 -11.88 -4.48 6.19
CA ALA B 63 -10.59 -3.83 5.98
C ALA B 63 -10.63 -2.78 4.85
N GLU B 64 -11.27 -3.12 3.73
CA GLU B 64 -11.36 -2.21 2.60
C GLU B 64 -12.26 -1.02 2.89
N SER B 65 -13.33 -1.24 3.67
CA SER B 65 -14.18 -0.14 4.09
C SER B 65 -13.41 0.83 4.98
N GLN B 66 -12.59 0.28 5.89
CA GLN B 66 -11.71 1.12 6.70
C GLN B 66 -10.72 1.90 5.84
N SER B 67 -10.17 1.24 4.82
CA SER B 67 -9.27 1.92 3.87
C SER B 67 -10.00 3.04 3.14
N ALA B 68 -11.25 2.78 2.76
CA ALA B 68 -12.05 3.82 2.08
C ALA B 68 -12.32 5.02 2.99
N ILE B 69 -12.70 4.74 4.25
CA ILE B 69 -12.91 5.79 5.26
C ILE B 69 -11.66 6.69 5.37
N GLU B 70 -10.50 6.05 5.48
CA GLU B 70 -9.24 6.77 5.66
C GLU B 70 -8.81 7.51 4.41
N LEU B 71 -9.02 6.91 3.23
CA LEU B 71 -8.65 7.57 1.99
C LEU B 71 -9.50 8.81 1.78
N VAL B 72 -10.81 8.68 2.01
CA VAL B 72 -11.71 9.85 1.90
C VAL B 72 -11.30 10.97 2.86
N SER B 73 -10.98 10.59 4.10
CA SER B 73 -10.52 11.57 5.09
C SER B 73 -9.21 12.23 4.63
N SER B 74 -8.30 11.42 4.12
CA SER B 74 -6.97 11.89 3.67
C SER B 74 -6.99 12.92 2.56
N VAL B 75 -8.02 12.88 1.70
CA VAL B 75 -8.14 13.81 0.56
C VAL B 75 -9.23 14.87 0.69
N LYS B 76 -9.87 14.95 1.86
CA LYS B 76 -10.99 15.88 2.07
C LYS B 76 -10.65 17.34 1.76
N ASP B 77 -9.39 17.72 1.99
CA ASP B 77 -8.92 19.08 1.74
C ASP B 77 -8.12 19.21 0.44
N LEU B 78 -8.01 18.12 -0.31
CA LEU B 78 -7.22 18.08 -1.54
C LEU B 78 -8.09 17.78 -2.77
N SER B 79 -9.26 17.21 -2.52
CA SER B 79 -10.17 16.75 -3.59
C SER B 79 -11.13 17.86 -4.01
N PRO B 80 -11.16 18.15 -5.33
CA PRO B 80 -12.18 19.05 -5.89
C PRO B 80 -13.53 18.38 -6.13
N LEU B 81 -13.66 17.13 -5.71
CA LEU B 81 -14.91 16.38 -5.73
C LEU B 81 -15.32 16.10 -4.29
N LYS B 82 -16.61 16.14 -4.01
CA LYS B 82 -17.12 15.70 -2.74
C LYS B 82 -17.17 14.17 -2.75
N LEU B 83 -16.45 13.53 -1.83
CA LEU B 83 -16.42 12.06 -1.76
C LEU B 83 -17.24 11.52 -0.61
N TYR B 84 -18.07 10.54 -0.94
CA TYR B 84 -18.76 9.74 0.08
C TYR B 84 -18.29 8.30 -0.04
N HIS B 85 -18.70 7.42 0.86
CA HIS B 85 -18.29 6.02 0.73
C HIS B 85 -19.30 5.07 1.34
N THR B 86 -19.11 3.78 1.03
CA THR B 86 -19.95 2.73 1.58
C THR B 86 -19.20 2.00 2.68
N ILE B 87 -19.92 1.16 3.44
CA ILE B 87 -19.32 0.21 4.38
C ILE B 87 -20.08 -1.11 4.20
N GLY B 88 -19.34 -2.21 3.96
CA GLY B 88 -19.97 -3.52 3.79
C GLY B 88 -18.93 -4.52 3.32
N VAL B 89 -19.36 -5.78 3.22
CA VAL B 89 -18.50 -6.86 2.81
C VAL B 89 -19.14 -7.56 1.61
N HIS B 90 -18.42 -7.51 0.49
CA HIS B 90 -18.82 -8.00 -0.81
C HIS B 90 -18.78 -9.54 -0.82
N PRO B 91 -19.59 -10.18 -1.68
CA PRO B 91 -19.50 -11.65 -1.75
C PRO B 91 -18.07 -12.19 -1.99
N CYS B 92 -17.19 -11.41 -2.64
CA CYS B 92 -15.73 -11.74 -2.83
C CYS B 92 -15.07 -12.12 -1.52
N CYS B 93 -15.57 -11.53 -0.45
CA CYS B 93 -14.73 -11.32 0.72
C CYS B 93 -15.41 -11.79 1.99
N VAL B 94 -16.54 -12.47 1.86
CA VAL B 94 -17.27 -12.92 3.04
C VAL B 94 -16.49 -13.94 3.88
N ASN B 95 -15.44 -14.53 3.32
CA ASN B 95 -14.59 -15.40 4.13
C ASN B 95 -13.98 -14.63 5.31
N GLU B 96 -13.92 -13.29 5.20
CA GLU B 96 -13.46 -12.40 6.28
C GLU B 96 -14.22 -12.67 7.58
N PHE B 97 -15.50 -13.05 7.46
CA PHE B 97 -16.32 -13.33 8.64
C PHE B 97 -15.92 -14.62 9.35
N ALA B 98 -15.14 -15.47 8.69
CA ALA B 98 -14.90 -16.80 9.23
C ALA B 98 -13.45 -17.10 9.60
N GLU B 117 -10.81 -24.80 -3.39
CA GLU B 117 -12.00 -25.63 -3.53
C GLU B 117 -12.53 -26.03 -2.17
N ALA B 118 -11.85 -26.98 -1.55
CA ALA B 118 -12.31 -27.64 -0.34
C ALA B 118 -12.40 -26.69 0.85
N TYR B 119 -11.45 -25.76 0.95
CA TYR B 119 -11.45 -24.80 2.05
C TYR B 119 -12.70 -23.90 2.02
N ASN B 120 -12.97 -23.28 0.86
CA ASN B 120 -14.13 -22.39 0.75
C ASN B 120 -15.41 -23.12 1.10
N GLU B 121 -15.50 -24.36 0.62
CA GLU B 121 -16.69 -25.19 0.78
C GLU B 121 -16.89 -25.70 2.20
N SER B 122 -15.81 -25.78 2.98
CA SER B 122 -15.87 -26.29 4.35
C SER B 122 -16.12 -25.20 5.39
N LEU B 123 -16.07 -23.95 4.96
CA LEU B 123 -16.05 -22.85 5.90
C LEU B 123 -17.40 -22.63 6.60
N TYR B 124 -18.49 -22.79 5.86
CA TYR B 124 -19.82 -22.59 6.42
C TYR B 124 -20.08 -23.54 7.60
N ALA B 125 -19.83 -24.83 7.41
CA ALA B 125 -19.98 -25.82 8.49
C ALA B 125 -19.12 -25.49 9.71
N LYS B 126 -17.93 -24.94 9.46
CA LYS B 126 -17.03 -24.52 10.54
C LYS B 126 -17.60 -23.35 11.34
N VAL B 127 -18.20 -22.39 10.64
CA VAL B 127 -18.87 -21.27 11.29
C VAL B 127 -20.03 -21.76 12.16
N ILE B 128 -20.86 -22.64 11.61
CA ILE B 128 -22.01 -23.20 12.34
C ILE B 128 -21.59 -23.98 13.59
N SER B 129 -20.47 -24.69 13.50
CA SER B 129 -19.92 -25.44 14.63
C SER B 129 -19.36 -24.54 15.73
N ASN B 130 -18.85 -23.37 15.34
CA ASN B 130 -18.38 -22.39 16.32
C ASN B 130 -18.55 -20.96 15.81
N PRO B 131 -19.77 -20.41 15.94
CA PRO B 131 -20.06 -19.10 15.33
C PRO B 131 -19.44 -17.91 16.05
N SER B 132 -18.71 -18.15 17.13
CA SER B 132 -18.15 -17.08 17.95
C SER B 132 -17.34 -16.05 17.17
N PHE B 133 -16.46 -16.53 16.29
CA PHE B 133 -15.61 -15.63 15.51
C PHE B 133 -16.45 -14.77 14.58
N ALA B 134 -17.35 -15.40 13.83
CA ALA B 134 -18.27 -14.69 12.93
C ALA B 134 -19.14 -13.69 13.68
N GLN B 135 -19.62 -14.07 14.87
CA GLN B 135 -20.36 -13.14 15.71
C GLN B 135 -19.55 -11.89 16.01
N GLY B 136 -18.27 -12.07 16.34
CA GLY B 136 -17.40 -10.94 16.64
C GLY B 136 -17.18 -10.04 15.44
N LYS B 137 -17.06 -10.64 14.26
CA LYS B 137 -16.84 -9.86 13.02
C LYS B 137 -18.08 -9.07 12.63
N LEU B 138 -19.25 -9.69 12.79
CA LEU B 138 -20.51 -8.97 12.55
C LEU B 138 -20.68 -7.80 13.53
N LYS B 139 -20.26 -7.99 14.79
CA LYS B 139 -20.27 -6.93 15.78
C LYS B 139 -19.34 -5.79 15.38
N GLU B 140 -18.14 -6.16 14.92
CA GLU B 140 -17.16 -5.20 14.46
C GLU B 140 -17.74 -4.36 13.32
N LEU B 141 -18.40 -5.04 12.39
CA LEU B 141 -18.99 -4.35 11.23
C LEU B 141 -20.10 -3.39 11.63
N TYR B 142 -21.04 -3.87 12.44
CA TYR B 142 -22.10 -3.03 13.01
C TYR B 142 -21.53 -1.80 13.76
N ASP B 143 -20.54 -2.04 14.62
CA ASP B 143 -19.95 -0.96 15.41
C ASP B 143 -19.26 0.07 14.51
N LEU B 144 -18.57 -0.41 13.47
CA LEU B 144 -17.98 0.50 12.50
C LEU B 144 -19.04 1.36 11.80
N MET B 145 -20.14 0.75 11.38
CA MET B 145 -21.21 1.53 10.76
C MET B 145 -21.78 2.61 11.70
N ASN B 146 -22.10 2.22 12.93
CA ASN B 146 -22.60 3.21 13.88
C ASN B 146 -21.62 4.33 14.20
N GLN B 147 -20.35 3.99 14.37
CA GLN B 147 -19.29 5.00 14.60
C GLN B 147 -19.28 6.00 13.44
N GLN B 148 -19.32 5.49 12.22
CA GLN B 148 -19.23 6.36 11.05
C GLN B 148 -20.51 7.13 10.74
N ALA B 149 -21.65 6.63 11.20
CA ALA B 149 -22.94 7.26 10.89
C ALA B 149 -23.25 8.41 11.86
N LYS B 150 -22.45 8.49 12.93
CA LYS B 150 -22.70 9.42 14.03
C LYS B 150 -22.57 10.92 13.70
N PRO B 151 -21.45 11.36 13.08
CA PRO B 151 -21.37 12.80 12.77
C PRO B 151 -22.46 13.28 11.82
N HIS B 152 -22.96 14.50 12.06
CA HIS B 152 -24.02 15.07 11.21
C HIS B 152 -23.54 15.23 9.76
N ASP B 153 -22.25 15.49 9.59
CA ASP B 153 -21.65 15.72 8.27
C ASP B 153 -20.89 14.48 7.73
N THR B 154 -21.31 13.30 8.17
CA THR B 154 -20.64 12.03 7.82
C THR B 154 -20.54 11.81 6.30
N SER B 155 -19.42 11.22 5.90
CA SER B 155 -19.17 10.83 4.51
C SER B 155 -19.66 9.43 4.23
N PHE B 156 -20.03 8.69 5.28
CA PHE B 156 -20.60 7.35 5.16
C PHE B 156 -22.06 7.48 4.73
N ARG B 157 -22.39 7.01 3.52
CA ARG B 157 -23.73 7.29 2.94
C ARG B 157 -24.52 6.08 2.48
N SER B 158 -23.91 4.89 2.45
CA SER B 158 -24.61 3.71 1.94
C SER B 158 -23.99 2.45 2.50
N ILE B 159 -24.84 1.46 2.77
CA ILE B 159 -24.41 0.16 3.27
C ILE B 159 -24.23 -0.76 2.08
N GLY B 160 -23.01 -1.27 1.92
CA GLY B 160 -22.65 -2.06 0.73
C GLY B 160 -21.15 -1.96 0.53
N GLU B 161 -20.55 -2.60 -0.49
CA GLU B 161 -21.22 -3.46 -1.46
CA GLU B 161 -21.28 -3.44 -1.44
C GLU B 161 -21.55 -4.80 -0.84
N ILE B 162 -22.81 -5.21 -0.87
CA ILE B 162 -23.21 -6.55 -0.39
C ILE B 162 -24.10 -7.23 -1.43
N GLY B 163 -24.13 -8.56 -1.45
CA GLY B 163 -24.94 -9.25 -2.44
C GLY B 163 -24.41 -10.62 -2.78
N LEU B 164 -24.60 -11.01 -4.04
CA LEU B 164 -24.24 -12.35 -4.49
C LEU B 164 -23.47 -12.27 -5.80
N ASP B 165 -22.48 -13.13 -5.97
CA ASP B 165 -21.68 -13.16 -7.20
C ASP B 165 -21.35 -14.60 -7.53
N TYR B 166 -22.16 -15.21 -8.38
CA TYR B 166 -21.96 -16.61 -8.75
C TYR B 166 -20.92 -16.81 -9.87
N ASP B 167 -20.33 -15.71 -10.34
CA ASP B 167 -19.15 -15.80 -11.20
C ASP B 167 -17.87 -15.93 -10.37
N ARG B 168 -18.00 -15.90 -9.04
CA ARG B 168 -16.83 -15.87 -8.15
C ARG B 168 -16.82 -16.92 -7.05
N PHE B 169 -17.24 -18.14 -7.39
CA PHE B 169 -17.19 -19.22 -6.41
C PHE B 169 -15.75 -19.60 -6.02
N HIS B 170 -14.78 -19.19 -6.84
CA HIS B 170 -13.39 -19.42 -6.46
C HIS B 170 -12.96 -18.60 -5.27
N TYR B 171 -13.71 -17.54 -4.97
CA TYR B 171 -13.44 -16.70 -3.81
C TYR B 171 -14.27 -17.06 -2.58
N SER B 172 -15.51 -17.47 -2.79
CA SER B 172 -16.39 -17.83 -1.67
C SER B 172 -17.49 -18.78 -2.11
N SER B 173 -17.90 -19.65 -1.21
CA SER B 173 -18.96 -20.59 -1.55
C SER B 173 -20.33 -19.93 -1.63
N LYS B 174 -21.23 -20.57 -2.36
CA LYS B 174 -22.61 -20.08 -2.45
C LYS B 174 -23.24 -19.94 -1.06
N GLU B 175 -22.99 -20.90 -0.19
CA GLU B 175 -23.57 -20.90 1.14
C GLU B 175 -23.06 -19.73 1.99
N MET B 176 -21.74 -19.51 1.94
CA MET B 176 -21.14 -18.36 2.62
C MET B 176 -21.69 -17.03 2.09
N GLN B 177 -21.83 -16.93 0.77
CA GLN B 177 -22.38 -15.70 0.17
C GLN B 177 -23.81 -15.44 0.65
N LYS B 178 -24.65 -16.45 0.58
CA LYS B 178 -26.05 -16.27 0.95
C LYS B 178 -26.18 -15.92 2.43
N VAL B 179 -25.48 -16.64 3.28
CA VAL B 179 -25.59 -16.42 4.73
C VAL B 179 -25.15 -15.00 5.11
N PHE B 180 -23.99 -14.56 4.62
CA PHE B 180 -23.45 -13.28 5.05
C PHE B 180 -24.01 -12.07 4.32
N PHE B 181 -24.59 -12.28 3.15
CA PHE B 181 -25.44 -11.23 2.52
C PHE B 181 -26.61 -11.00 3.48
N GLU B 182 -27.30 -12.06 3.87
CA GLU B 182 -28.46 -11.92 4.73
C GLU B 182 -28.12 -11.35 6.11
N GLU B 183 -27.01 -11.79 6.71
CA GLU B 183 -26.67 -11.23 8.04
C GLU B 183 -26.38 -9.74 7.97
N GLN B 184 -25.72 -9.34 6.88
CA GLN B 184 -25.48 -7.91 6.69
C GLN B 184 -26.76 -7.14 6.42
N LEU B 185 -27.71 -7.75 5.71
CA LEU B 185 -29.00 -7.10 5.56
C LEU B 185 -29.69 -6.93 6.92
N LYS B 186 -29.55 -7.92 7.79
CA LYS B 186 -30.13 -7.81 9.12
C LYS B 186 -29.48 -6.68 9.90
N ILE B 187 -28.15 -6.58 9.85
CA ILE B 187 -27.44 -5.50 10.53
C ILE B 187 -27.94 -4.14 10.02
N SER B 188 -28.20 -4.07 8.73
CA SER B 188 -28.63 -2.82 8.11
C SER B 188 -30.02 -2.35 8.59
N CYS B 189 -30.72 -3.23 9.29
CA CYS B 189 -32.07 -2.95 9.83
C CYS B 189 -32.08 -2.85 11.35
N LEU B 190 -30.92 -2.92 11.99
CA LEU B 190 -30.89 -3.12 13.44
C LEU B 190 -31.26 -1.92 14.25
N ASN B 191 -31.09 -0.73 13.68
CA ASN B 191 -31.53 0.47 14.36
C ASN B 191 -32.14 1.45 13.37
N ASP B 192 -32.85 2.47 13.86
CA ASP B 192 -33.54 3.42 13.00
C ASP B 192 -32.60 4.17 12.05
N LYS B 193 -31.40 4.51 12.51
CA LYS B 193 -30.49 5.29 11.66
C LYS B 193 -30.01 4.46 10.48
N LEU B 194 -29.47 3.28 10.77
CA LEU B 194 -29.01 2.41 9.69
C LEU B 194 -30.15 1.96 8.79
N SER B 195 -31.33 1.76 9.36
CA SER B 195 -32.50 1.32 8.58
C SER B 195 -32.87 2.25 7.42
N SER B 196 -32.52 3.53 7.52
CA SER B 196 -32.82 4.51 6.49
CA SER B 196 -32.85 4.44 6.43
C SER B 196 -31.71 4.61 5.43
N TYR B 197 -30.54 4.05 5.72
CA TYR B 197 -29.42 4.10 4.74
C TYR B 197 -29.80 3.35 3.48
N PRO B 198 -29.47 3.92 2.31
CA PRO B 198 -29.68 3.16 1.07
C PRO B 198 -28.71 1.99 1.00
N LEU B 199 -29.12 0.91 0.34
CA LEU B 199 -28.27 -0.26 0.17
C LEU B 199 -27.61 -0.23 -1.19
N PHE B 200 -26.31 -0.50 -1.19
CA PHE B 200 -25.51 -0.57 -2.41
C PHE B 200 -25.23 -2.06 -2.65
N LEU B 201 -25.94 -2.61 -3.64
CA LEU B 201 -26.06 -4.06 -3.83
C LEU B 201 -25.30 -4.56 -5.04
N HIS B 202 -24.73 -5.75 -4.90
CA HIS B 202 -23.96 -6.40 -5.96
C HIS B 202 -24.73 -7.65 -6.38
N MET B 203 -24.97 -7.82 -7.67
CA MET B 203 -25.63 -9.01 -8.17
C MET B 203 -24.94 -9.40 -9.46
N ARG B 204 -24.40 -10.61 -9.50
CA ARG B 204 -23.90 -11.15 -10.76
C ARG B 204 -24.27 -12.60 -10.85
N SER B 205 -24.99 -12.94 -11.92
CA SER B 205 -25.33 -14.33 -12.25
C SER B 205 -26.11 -15.04 -11.14
N ALA B 206 -26.84 -14.28 -10.33
CA ALA B 206 -27.47 -14.80 -9.12
C ALA B 206 -28.86 -14.20 -8.92
N CYS B 207 -29.52 -13.83 -10.02
CA CYS B 207 -30.72 -12.99 -9.89
C CYS B 207 -31.81 -13.66 -9.07
N ASP B 208 -32.12 -14.93 -9.35
CA ASP B 208 -33.22 -15.53 -8.58
C ASP B 208 -32.94 -15.60 -7.07
N ASP B 209 -31.73 -15.99 -6.69
CA ASP B 209 -31.40 -16.12 -5.28
C ASP B 209 -31.32 -14.76 -4.59
N PHE B 210 -30.90 -13.76 -5.35
CA PHE B 210 -30.77 -12.39 -4.86
C PHE B 210 -32.15 -11.81 -4.59
N VAL B 211 -33.05 -11.94 -5.56
CA VAL B 211 -34.43 -11.51 -5.36
C VAL B 211 -35.12 -12.28 -4.24
N GLN B 212 -34.86 -13.59 -4.13
CA GLN B 212 -35.49 -14.40 -3.09
C GLN B 212 -35.16 -13.86 -1.70
N ILE B 213 -33.90 -13.53 -1.48
CA ILE B 213 -33.47 -13.02 -0.18
C ILE B 213 -34.07 -11.62 0.05
N LEU B 214 -33.95 -10.73 -0.92
CA LEU B 214 -34.47 -9.39 -0.72
C LEU B 214 -35.98 -9.34 -0.53
N GLU B 215 -36.71 -10.20 -1.24
CA GLU B 215 -38.18 -10.22 -1.13
C GLU B 215 -38.60 -10.49 0.32
N ARG B 216 -37.83 -11.32 1.03
CA ARG B 216 -38.12 -11.60 2.43
C ARG B 216 -38.00 -10.36 3.30
N PHE B 217 -37.04 -9.48 2.97
CA PHE B 217 -36.91 -8.22 3.69
C PHE B 217 -37.94 -7.18 3.23
N VAL B 218 -38.35 -7.22 1.95
CA VAL B 218 -39.42 -6.35 1.48
C VAL B 218 -40.72 -6.64 2.23
N VAL B 219 -41.06 -7.92 2.32
CA VAL B 219 -42.35 -8.31 2.93
C VAL B 219 -42.23 -8.36 4.46
N GLY B 220 -41.05 -8.77 4.93
CA GLY B 220 -40.80 -8.93 6.35
C GLY B 220 -40.69 -10.39 6.77
N PHE B 221 -39.77 -10.67 7.68
CA PHE B 221 -39.68 -12.02 8.26
C PHE B 221 -39.10 -11.96 9.66
N THR B 222 -39.26 -13.06 10.38
CA THR B 222 -38.82 -13.11 11.77
C THR B 222 -37.65 -14.07 11.89
N ASP B 223 -36.58 -13.61 12.53
CA ASP B 223 -35.44 -14.45 12.80
C ASP B 223 -35.48 -14.90 14.26
N GLU B 224 -36.09 -16.06 14.53
CA GLU B 224 -36.24 -16.54 15.90
C GLU B 224 -34.93 -17.15 16.41
N LYS B 225 -34.20 -17.83 15.53
CA LYS B 225 -32.93 -18.49 15.90
C LYS B 225 -31.79 -17.52 16.24
N ASP B 226 -31.68 -16.42 15.48
CA ASP B 226 -30.60 -15.45 15.66
C ASP B 226 -29.23 -16.08 15.93
N THR B 227 -28.81 -16.92 14.99
CA THR B 227 -27.57 -17.71 15.10
C THR B 227 -26.38 -16.82 15.45
N PHE B 228 -26.32 -15.65 14.83
CA PHE B 228 -25.18 -14.76 14.99
C PHE B 228 -25.37 -13.70 16.08
N GLN B 229 -26.44 -13.85 16.85
CA GLN B 229 -26.66 -13.08 18.07
C GLN B 229 -26.69 -11.57 17.83
N LEU B 230 -27.35 -11.17 16.75
CA LEU B 230 -27.44 -9.75 16.41
C LEU B 230 -28.30 -8.98 17.38
N GLN B 231 -29.32 -9.66 17.91
CA GLN B 231 -30.24 -8.98 18.80
C GLN B 231 -29.60 -8.72 20.18
N LYS B 232 -28.37 -9.20 20.36
CA LYS B 232 -27.54 -8.86 21.53
C LYS B 232 -26.73 -7.58 21.31
N LEU B 233 -26.80 -7.04 20.09
CA LEU B 233 -26.06 -5.83 19.73
C LEU B 233 -26.92 -4.59 19.96
N SER B 236 -33.40 -2.63 17.62
CA SER B 236 -34.56 -1.76 17.80
C SER B 236 -35.76 -2.52 18.34
N SER B 237 -35.69 -3.85 18.28
CA SER B 237 -36.80 -4.71 18.69
C SER B 237 -36.33 -6.07 19.19
N SER B 238 -36.99 -6.53 20.24
CA SER B 238 -36.80 -7.89 20.75
C SER B 238 -37.49 -8.91 19.86
N SER B 239 -38.29 -8.41 18.90
CA SER B 239 -39.19 -9.25 18.10
C SER B 239 -38.46 -10.22 17.17
N GLY B 240 -37.32 -9.78 16.65
CA GLY B 240 -36.62 -10.52 15.61
C GLY B 240 -37.20 -10.27 14.24
N PHE B 241 -38.11 -9.30 14.12
CA PHE B 241 -38.80 -9.04 12.86
C PHE B 241 -38.03 -8.01 12.03
N TYR B 242 -37.62 -8.46 10.84
CA TYR B 242 -36.84 -7.65 9.91
C TYR B 242 -37.70 -7.31 8.70
N LYS B 243 -37.87 -6.02 8.44
CA LYS B 243 -38.55 -5.55 7.26
C LYS B 243 -37.97 -4.19 6.81
N PHE B 244 -37.68 -4.04 5.52
CA PHE B 244 -37.17 -2.75 5.02
C PHE B 244 -38.19 -1.63 5.26
N HIS B 245 -37.69 -0.45 5.64
CA HIS B 245 -38.51 0.72 5.70
C HIS B 245 -39.11 0.95 4.29
N PRO B 246 -40.38 1.37 4.19
CA PRO B 246 -41.03 1.51 2.87
C PRO B 246 -40.31 2.45 1.90
N ASP B 247 -39.52 3.39 2.41
CA ASP B 247 -38.81 4.34 1.56
C ASP B 247 -37.33 4.03 1.38
N ARG B 248 -36.85 2.92 1.93
CA ARG B 248 -35.44 2.58 1.79
C ARG B 248 -35.12 2.32 0.32
N LYS B 249 -34.04 2.95 -0.18
CA LYS B 249 -33.63 2.75 -1.56
C LYS B 249 -32.65 1.61 -1.71
N LEU B 250 -32.79 0.89 -2.81
CA LEU B 250 -32.08 -0.38 -3.06
C LEU B 250 -31.37 -0.24 -4.40
N VAL B 251 -30.04 0.00 -4.38
CA VAL B 251 -29.31 0.32 -5.61
C VAL B 251 -28.57 -0.91 -6.09
N VAL B 252 -28.94 -1.39 -7.27
CA VAL B 252 -28.22 -2.53 -7.87
C VAL B 252 -27.09 -2.00 -8.76
N HIS B 253 -25.88 -2.06 -8.23
CA HIS B 253 -24.64 -1.53 -8.83
C HIS B 253 -24.25 -2.34 -10.05
N SER B 254 -23.71 -1.64 -11.06
CA SER B 254 -22.99 -2.28 -12.16
CA SER B 254 -22.99 -2.29 -12.15
C SER B 254 -23.81 -3.38 -12.83
N PHE B 255 -24.98 -3.02 -13.33
CA PHE B 255 -25.87 -4.01 -13.91
C PHE B 255 -25.43 -4.43 -15.31
N THR B 256 -25.21 -5.73 -15.49
CA THR B 256 -24.84 -6.25 -16.81
C THR B 256 -25.73 -7.41 -17.25
N GLY B 257 -26.74 -7.69 -16.45
CA GLY B 257 -27.61 -8.85 -16.70
C GLY B 257 -28.47 -8.76 -17.96
N SER B 258 -29.41 -9.68 -18.03
CA SER B 258 -30.32 -9.81 -19.17
C SER B 258 -31.60 -9.01 -18.95
N ALA B 259 -32.41 -8.88 -20.01
CA ALA B 259 -33.71 -8.22 -19.91
C ALA B 259 -34.63 -8.90 -18.90
N ILE B 260 -34.55 -10.23 -18.85
CA ILE B 260 -35.29 -11.01 -17.87
C ILE B 260 -34.86 -10.66 -16.44
N ASP B 261 -33.54 -10.64 -16.20
CA ASP B 261 -32.93 -10.18 -14.93
C ASP B 261 -33.50 -8.80 -14.54
N LEU B 262 -33.46 -7.87 -15.49
CA LEU B 262 -33.90 -6.51 -15.22
C LEU B 262 -35.34 -6.43 -14.74
N GLN B 263 -36.24 -7.16 -15.40
CA GLN B 263 -37.63 -7.06 -15.01
C GLN B 263 -37.87 -7.64 -13.61
N LYS B 264 -37.14 -8.70 -13.25
CA LYS B 264 -37.23 -9.26 -11.90
C LYS B 264 -36.79 -8.23 -10.85
N LEU B 265 -35.73 -7.51 -11.16
CA LEU B 265 -35.24 -6.49 -10.25
C LEU B 265 -36.20 -5.32 -10.15
N LEU B 266 -36.70 -4.82 -11.28
CA LEU B 266 -37.62 -3.67 -11.26
C LEU B 266 -38.90 -3.97 -10.52
N ASN B 267 -39.36 -5.21 -10.63
CA ASN B 267 -40.60 -5.64 -9.98
C ASN B 267 -40.46 -5.99 -8.50
N LEU B 268 -39.23 -6.18 -8.04
CA LEU B 268 -38.99 -6.45 -6.62
C LEU B 268 -39.51 -5.33 -5.72
N SER B 269 -39.26 -4.09 -6.12
CA SER B 269 -39.64 -2.94 -5.35
C SER B 269 -39.59 -1.70 -6.23
N PRO B 270 -40.51 -0.74 -6.03
CA PRO B 270 -40.40 0.54 -6.74
C PRO B 270 -39.15 1.32 -6.33
N ASN B 271 -38.52 0.91 -5.23
CA ASN B 271 -37.31 1.55 -4.71
C ASN B 271 -35.99 0.92 -5.17
N ILE B 272 -36.07 -0.02 -6.13
CA ILE B 272 -34.90 -0.54 -6.83
C ILE B 272 -34.46 0.46 -7.89
N PHE B 273 -33.16 0.77 -7.88
CA PHE B 273 -32.49 1.56 -8.93
C PHE B 273 -31.43 0.69 -9.59
N ILE B 274 -31.10 1.01 -10.84
CA ILE B 274 -30.13 0.22 -11.61
C ILE B 274 -28.94 1.08 -11.98
N GLY B 275 -27.75 0.68 -11.54
CA GLY B 275 -26.50 1.37 -11.90
C GLY B 275 -25.98 0.91 -13.25
N VAL B 276 -25.67 1.90 -14.10
CA VAL B 276 -25.23 1.66 -15.46
C VAL B 276 -23.84 2.26 -15.65
N ASN B 277 -22.89 1.41 -16.07
CA ASN B 277 -21.52 1.85 -16.38
C ASN B 277 -21.11 1.33 -17.76
N GLY B 278 -19.85 1.50 -18.13
CA GLY B 278 -19.41 1.02 -19.44
C GLY B 278 -19.55 -0.49 -19.65
N CYS B 279 -19.48 -1.27 -18.55
CA CYS B 279 -19.67 -2.72 -18.65
C CYS B 279 -21.12 -3.06 -19.03
N SER B 280 -22.03 -2.17 -18.66
CA SER B 280 -23.46 -2.31 -18.96
C SER B 280 -23.77 -2.01 -20.44
N LEU B 281 -22.75 -1.63 -21.21
CA LEU B 281 -22.97 -1.02 -22.54
C LEU B 281 -22.10 -1.62 -23.63
N ARG B 282 -21.49 -2.79 -23.36
CA ARG B 282 -20.52 -3.40 -24.28
C ARG B 282 -21.09 -4.01 -25.56
N THR B 283 -22.26 -4.63 -25.46
CA THR B 283 -22.82 -5.34 -26.60
C THR B 283 -24.14 -4.74 -27.02
N GLU B 284 -24.56 -5.08 -28.24
CA GLU B 284 -25.88 -4.67 -28.72
C GLU B 284 -27.00 -5.13 -27.79
N GLU B 285 -26.91 -6.35 -27.27
CA GLU B 285 -27.87 -6.83 -26.29
C GLU B 285 -27.88 -5.97 -25.01
N ASN B 286 -26.69 -5.65 -24.50
CA ASN B 286 -26.59 -4.76 -23.35
C ASN B 286 -27.34 -3.45 -23.57
N LEU B 287 -27.18 -2.87 -24.75
CA LEU B 287 -27.84 -1.59 -25.05
C LEU B 287 -29.36 -1.73 -25.07
N ALA B 288 -29.84 -2.84 -25.64
CA ALA B 288 -31.27 -3.11 -25.68
C ALA B 288 -31.85 -3.20 -24.28
N VAL B 289 -31.06 -3.74 -23.35
CA VAL B 289 -31.53 -3.88 -21.98
C VAL B 289 -31.58 -2.52 -21.28
N VAL B 290 -30.54 -1.72 -21.46
CA VAL B 290 -30.50 -0.37 -20.91
C VAL B 290 -31.67 0.47 -21.42
N LYS B 291 -32.09 0.24 -22.66
CA LYS B 291 -33.22 0.99 -23.20
C LYS B 291 -34.49 0.75 -22.38
N GLN B 292 -34.57 -0.40 -21.71
CA GLN B 292 -35.75 -0.76 -20.92
C GLN B 292 -35.72 -0.22 -19.48
N ILE B 293 -34.59 0.31 -19.02
CA ILE B 293 -34.54 0.83 -17.64
C ILE B 293 -35.26 2.18 -17.61
N PRO B 294 -36.30 2.32 -16.75
CA PRO B 294 -36.91 3.67 -16.66
C PRO B 294 -35.88 4.75 -16.31
N THR B 295 -35.96 5.89 -16.99
CA THR B 295 -34.91 6.90 -16.88
C THR B 295 -34.63 7.37 -15.45
N GLU B 296 -35.68 7.58 -14.67
CA GLU B 296 -35.53 8.06 -13.27
C GLU B 296 -35.09 6.95 -12.33
N ARG B 297 -35.00 5.72 -12.83
CA ARG B 297 -34.56 4.60 -11.98
C ARG B 297 -33.13 4.18 -12.37
N LEU B 298 -32.50 4.93 -13.27
CA LEU B 298 -31.17 4.64 -13.78
C LEU B 298 -30.17 5.59 -13.10
N LEU B 299 -29.10 5.00 -12.58
CA LEU B 299 -28.02 5.79 -11.98
C LEU B 299 -26.76 5.56 -12.78
N LEU B 300 -25.92 6.61 -12.89
CA LEU B 300 -24.66 6.51 -13.67
C LEU B 300 -23.46 6.25 -12.77
N GLU B 301 -22.52 5.48 -13.30
CA GLU B 301 -21.26 5.16 -12.60
C GLU B 301 -20.21 4.79 -13.63
N THR B 302 -18.95 4.83 -13.21
CA THR B 302 -17.86 4.38 -14.09
C THR B 302 -17.38 2.98 -13.74
N ASP B 303 -17.46 2.63 -12.46
CA ASP B 303 -16.82 1.43 -11.91
C ASP B 303 -15.29 1.53 -12.07
N ALA B 304 -14.77 2.74 -12.21
CA ALA B 304 -13.33 2.92 -12.39
C ALA B 304 -12.56 2.20 -11.28
N PRO B 305 -11.45 1.51 -11.62
CA PRO B 305 -10.69 1.50 -12.88
C PRO B 305 -11.19 0.54 -13.94
N TRP B 306 -12.30 -0.12 -13.66
CA TRP B 306 -12.87 -1.09 -14.58
C TRP B 306 -13.80 -0.42 -15.58
N CYS B 307 -14.27 -1.20 -16.55
CA CYS B 307 -15.40 -0.81 -17.39
C CYS B 307 -15.11 0.34 -18.35
N GLU B 308 -13.87 0.43 -18.82
CA GLU B 308 -13.54 1.37 -19.91
C GLU B 308 -14.47 1.16 -21.12
N ILE B 309 -14.95 2.26 -21.69
CA ILE B 309 -15.69 2.19 -22.95
C ILE B 309 -14.67 2.25 -24.09
N LYS B 310 -14.67 1.19 -24.91
CA LYS B 310 -13.64 0.97 -25.93
C LYS B 310 -14.24 1.05 -27.34
N ARG B 311 -13.35 1.30 -28.31
CA ARG B 311 -13.76 1.37 -29.72
C ARG B 311 -14.39 0.09 -30.25
N THR B 312 -14.10 -1.03 -29.58
CA THR B 312 -14.66 -2.33 -29.94
C THR B 312 -16.01 -2.63 -29.30
N HIS B 313 -16.52 -1.70 -28.48
CA HIS B 313 -17.82 -1.90 -27.84
C HIS B 313 -18.94 -1.31 -28.65
N ALA B 314 -20.14 -1.88 -28.51
CA ALA B 314 -21.29 -1.41 -29.29
C ALA B 314 -21.63 0.04 -28.94
N SER B 315 -21.25 0.46 -27.73
CA SER B 315 -21.46 1.83 -27.26
C SER B 315 -20.62 2.89 -27.97
N PHE B 316 -19.51 2.49 -28.58
CA PHE B 316 -18.59 3.50 -29.10
C PHE B 316 -19.18 4.36 -30.20
N GLN B 317 -20.06 3.79 -31.01
CA GLN B 317 -20.66 4.54 -32.12
C GLN B 317 -21.23 5.91 -31.65
N TYR B 318 -21.75 5.96 -30.42
CA TYR B 318 -22.29 7.20 -29.89
C TYR B 318 -21.22 8.21 -29.47
N LEU B 319 -20.09 7.73 -28.98
CA LEU B 319 -18.94 8.59 -28.74
C LEU B 319 -18.36 9.11 -30.05
N ALA B 320 -18.30 8.25 -31.06
CA ALA B 320 -17.84 8.69 -32.41
C ALA B 320 -18.70 9.84 -32.93
N LYS B 321 -20.02 9.68 -32.81
CA LYS B 321 -20.96 10.74 -33.19
C LYS B 321 -20.65 12.04 -32.46
N TYR B 322 -20.54 11.96 -31.13
CA TYR B 322 -20.24 13.14 -30.35
C TYR B 322 -18.90 13.79 -30.68
N GLN B 323 -17.88 12.97 -31.00
CA GLN B 323 -16.57 13.50 -31.37
C GLN B 323 -16.67 14.39 -32.61
N GLU B 324 -17.50 13.96 -33.55
CA GLU B 324 -17.62 14.61 -34.85
C GLU B 324 -18.45 15.87 -34.77
N VAL B 325 -19.65 15.77 -34.20
CA VAL B 325 -20.62 16.87 -34.25
C VAL B 325 -20.90 17.60 -32.93
N ARG B 326 -20.29 17.15 -31.82
CA ARG B 326 -20.41 17.87 -30.54
C ARG B 326 -19.05 18.20 -29.93
N ASP B 327 -18.00 18.11 -30.76
CA ASP B 327 -16.62 18.44 -30.34
C ASP B 327 -16.15 17.69 -29.08
N PHE B 328 -16.63 16.46 -28.93
CA PHE B 328 -16.27 15.66 -27.77
C PHE B 328 -14.86 15.11 -27.93
N GLU B 329 -14.10 15.12 -26.83
CA GLU B 329 -12.73 14.62 -26.84
C GLU B 329 -12.65 13.24 -26.20
N TYR B 330 -12.14 12.29 -26.98
CA TYR B 330 -11.95 10.90 -26.56
C TYR B 330 -10.54 10.46 -26.98
N PRO B 331 -9.69 10.08 -26.00
CA PRO B 331 -9.92 10.11 -24.56
C PRO B 331 -9.98 11.55 -24.07
N ALA B 332 -10.35 11.75 -22.81
CA ALA B 332 -10.56 13.09 -22.26
C ALA B 332 -9.26 13.83 -22.01
N PHE B 333 -8.18 13.06 -21.82
CA PHE B 333 -6.83 13.57 -21.57
C PHE B 333 -5.87 12.66 -22.29
N LYS B 334 -4.65 13.12 -22.50
CA LYS B 334 -3.60 12.26 -23.03
C LYS B 334 -3.46 11.03 -22.15
N SER B 335 -3.18 9.90 -22.80
CA SER B 335 -3.06 8.61 -22.13
CA SER B 335 -3.04 8.64 -22.11
C SER B 335 -1.70 8.02 -22.43
N VAL B 336 -1.06 7.42 -21.42
CA VAL B 336 0.25 6.79 -21.58
C VAL B 336 0.23 5.40 -20.93
N LYS B 337 1.12 4.52 -21.35
CA LYS B 337 1.27 3.22 -20.70
C LYS B 337 1.72 3.42 -19.25
N LYS B 338 1.42 2.45 -18.39
CA LYS B 338 1.67 2.57 -16.95
C LYS B 338 3.13 2.85 -16.60
N ASN B 339 4.04 2.33 -17.43
CA ASN B 339 5.47 2.54 -17.20
C ASN B 339 5.98 3.90 -17.67
N LYS B 340 5.08 4.68 -18.26
CA LYS B 340 5.42 5.99 -18.79
C LYS B 340 4.77 7.15 -18.03
N LEU B 341 3.95 6.85 -17.03
CA LEU B 341 3.25 7.91 -16.32
C LEU B 341 4.13 8.68 -15.33
N ALA B 342 5.01 7.98 -14.62
CA ALA B 342 5.77 8.61 -13.55
C ALA B 342 6.49 9.88 -14.01
N ASP B 343 7.13 9.81 -15.17
CA ASP B 343 7.88 10.95 -15.70
C ASP B 343 6.99 12.19 -15.93
N LYS B 344 5.69 11.97 -16.08
CA LYS B 344 4.77 13.07 -16.37
C LYS B 344 4.20 13.75 -15.12
N LEU B 345 4.45 13.19 -13.94
CA LEU B 345 3.77 13.62 -12.73
C LEU B 345 4.28 14.91 -12.08
N ASN B 346 5.43 15.41 -12.55
CA ASN B 346 5.92 16.70 -12.07
C ASN B 346 5.48 17.84 -12.98
N ALA B 347 4.91 17.50 -14.13
CA ALA B 347 4.39 18.49 -15.07
C ALA B 347 2.95 18.85 -14.72
N GLU B 348 2.49 19.99 -15.24
CA GLU B 348 1.15 20.49 -14.95
C GLU B 348 0.07 19.76 -15.72
N GLU B 349 0.39 19.34 -16.95
CA GLU B 349 -0.60 18.66 -17.78
C GLU B 349 -0.98 17.32 -17.16
N LEU B 350 -2.25 16.99 -17.28
CA LEU B 350 -2.82 15.79 -16.66
C LEU B 350 -2.88 14.62 -17.64
N TYR B 351 -2.43 13.45 -17.18
CA TYR B 351 -2.31 12.26 -18.00
C TYR B 351 -3.05 11.08 -17.38
N MET B 352 -3.69 10.29 -18.25
CA MET B 352 -4.33 9.04 -17.85
C MET B 352 -3.41 7.86 -18.16
N VAL B 353 -3.77 6.68 -17.66
CA VAL B 353 -3.02 5.47 -17.92
C VAL B 353 -3.84 4.58 -18.83
N LYS B 354 -3.25 4.17 -19.96
CA LYS B 354 -3.93 3.30 -20.91
C LYS B 354 -4.45 2.06 -20.21
N GLY B 355 -5.73 1.80 -20.39
CA GLY B 355 -6.35 0.62 -19.82
C GLY B 355 -6.98 0.80 -18.44
N ARG B 356 -6.70 1.93 -17.79
CA ARG B 356 -7.22 2.21 -16.44
C ARG B 356 -8.30 3.26 -16.55
N ASN B 357 -9.55 2.84 -16.35
CA ASN B 357 -10.67 3.76 -16.43
C ASN B 357 -10.65 4.74 -15.25
N GLU B 358 -11.36 5.87 -15.43
CA GLU B 358 -11.34 6.93 -14.41
C GLU B 358 -12.74 7.54 -14.27
N PRO B 359 -13.01 8.17 -13.10
CA PRO B 359 -14.30 8.83 -12.94
C PRO B 359 -14.56 9.98 -13.90
N CYS B 360 -13.50 10.57 -14.47
CA CYS B 360 -13.69 11.63 -15.48
C CYS B 360 -14.44 11.15 -16.73
N ASN B 361 -14.64 9.84 -16.85
CA ASN B 361 -15.35 9.28 -17.99
C ASN B 361 -16.84 9.09 -17.75
N MET B 362 -17.36 9.70 -16.68
CA MET B 362 -18.81 9.73 -16.47
C MET B 362 -19.53 10.25 -17.69
N GLU B 363 -18.97 11.29 -18.29
CA GLU B 363 -19.62 11.93 -19.45
C GLU B 363 -19.83 10.96 -20.61
N GLN B 364 -18.94 9.97 -20.76
CA GLN B 364 -19.09 8.98 -21.83
C GLN B 364 -20.31 8.10 -21.56
N VAL B 365 -20.47 7.68 -20.32
CA VAL B 365 -21.63 6.85 -19.99
C VAL B 365 -22.93 7.62 -20.24
N ALA B 366 -22.98 8.89 -19.81
CA ALA B 366 -24.16 9.73 -20.02
C ALA B 366 -24.50 9.90 -21.53
N ILE B 367 -23.46 10.14 -22.35
CA ILE B 367 -23.70 10.27 -23.80
C ILE B 367 -24.30 9.00 -24.37
N VAL B 368 -23.71 7.85 -24.02
CA VAL B 368 -24.22 6.59 -24.53
C VAL B 368 -25.67 6.36 -24.11
N VAL B 369 -25.95 6.54 -22.83
CA VAL B 369 -27.30 6.30 -22.33
C VAL B 369 -28.32 7.25 -22.99
N SER B 370 -27.92 8.51 -23.17
CA SER B 370 -28.84 9.49 -23.76
CA SER B 370 -28.81 9.50 -23.78
C SER B 370 -29.19 9.08 -25.18
N GLU B 371 -28.19 8.67 -25.95
CA GLU B 371 -28.43 8.23 -27.32
C GLU B 371 -29.25 6.95 -27.40
N VAL B 372 -28.91 5.98 -26.56
CA VAL B 372 -29.60 4.70 -26.56
C VAL B 372 -31.09 4.88 -26.23
N LYS B 373 -31.37 5.76 -25.26
CA LYS B 373 -32.74 5.91 -24.75
C LYS B 373 -33.51 7.02 -25.46
N ASP B 374 -32.86 7.71 -26.39
CA ASP B 374 -33.47 8.84 -27.08
C ASP B 374 -34.02 9.85 -26.08
N VAL B 375 -33.18 10.19 -25.10
CA VAL B 375 -33.50 11.21 -24.11
C VAL B 375 -32.45 12.31 -24.28
N ASP B 376 -32.89 13.56 -24.39
CA ASP B 376 -31.97 14.69 -24.51
C ASP B 376 -30.88 14.61 -23.42
N LEU B 377 -29.63 14.87 -23.80
CA LEU B 377 -28.49 14.72 -22.87
C LEU B 377 -28.68 15.53 -21.60
N ALA B 378 -29.00 16.81 -21.74
CA ALA B 378 -29.17 17.68 -20.56
C ALA B 378 -30.29 17.15 -19.68
N THR B 379 -31.36 16.66 -20.30
CA THR B 379 -32.52 16.13 -19.58
C THR B 379 -32.12 14.91 -18.74
N LEU B 380 -31.41 13.99 -19.36
CA LEU B 380 -30.87 12.82 -18.67
C LEU B 380 -29.97 13.20 -17.50
N ILE B 381 -29.03 14.11 -17.75
CA ILE B 381 -28.06 14.50 -16.74
C ILE B 381 -28.77 15.13 -15.53
N ASP B 382 -29.75 15.99 -15.79
CA ASP B 382 -30.52 16.61 -14.72
C ASP B 382 -31.31 15.58 -13.89
N THR B 383 -32.04 14.69 -14.57
CA THR B 383 -32.81 13.66 -13.85
C THR B 383 -31.92 12.77 -12.99
N THR B 384 -30.81 12.29 -13.59
CA THR B 384 -29.90 11.41 -12.86
CA THR B 384 -29.89 11.40 -12.88
C THR B 384 -29.19 12.11 -11.71
N TRP B 385 -28.82 13.36 -11.93
CA TRP B 385 -28.19 14.13 -10.87
C TRP B 385 -29.11 14.28 -9.67
N LYS B 386 -30.34 14.73 -9.92
CA LYS B 386 -31.27 14.94 -8.83
C LYS B 386 -31.62 13.64 -8.13
N THR B 387 -31.80 12.57 -8.89
CA THR B 387 -32.17 11.29 -8.31
C THR B 387 -31.03 10.75 -7.45
N THR B 388 -29.81 10.87 -7.94
CA THR B 388 -28.66 10.33 -7.22
C THR B 388 -28.42 11.12 -5.92
N CYS B 389 -28.53 12.43 -6.01
CA CYS B 389 -28.38 13.28 -4.82
C CYS B 389 -29.38 12.90 -3.75
N LYS B 390 -30.63 12.65 -4.15
CA LYS B 390 -31.66 12.29 -3.18
C LYS B 390 -31.34 10.98 -2.48
N ILE B 391 -30.81 10.01 -3.22
CA ILE B 391 -30.53 8.71 -2.63
C ILE B 391 -29.40 8.79 -1.61
N PHE B 392 -28.29 9.42 -1.98
CA PHE B 392 -27.09 9.39 -1.14
C PHE B 392 -26.93 10.64 -0.28
C1 GOL C . 32.52 -19.51 -3.81
O1 GOL C . 32.82 -18.34 -4.55
C2 GOL C . 31.90 -20.59 -4.67
O2 GOL C . 32.41 -20.59 -5.98
C3 GOL C . 32.01 -21.93 -3.95
O3 GOL C . 32.43 -22.99 -4.80
C1 GOL D . 10.48 14.52 13.48
O1 GOL D . 9.81 15.13 14.57
C2 GOL D . 10.52 15.43 12.25
O2 GOL D . 9.22 15.78 11.85
C3 GOL D . 11.28 16.73 12.56
O3 GOL D . 12.67 16.55 12.34
MG MG E . 17.74 0.19 10.07
C1 GOL F . -34.86 -5.30 13.21
O1 GOL F . -35.35 -4.01 12.97
C2 GOL F . -35.35 -5.76 14.57
O2 GOL F . -34.77 -4.90 15.54
C3 GOL F . -34.90 -7.19 14.82
O3 GOL F . -35.32 -7.57 16.11
MG MG G . -17.98 -2.53 -9.00
C1 GOL H . -8.57 6.81 -21.14
O1 GOL H . -9.95 6.91 -20.86
C2 GOL H . -7.96 5.51 -20.62
O2 GOL H . -6.83 5.84 -19.83
C3 GOL H . -7.40 4.76 -21.81
O3 GOL H . -7.60 3.38 -21.68
MG MG I . -21.53 -8.17 -20.03
#